data_5J6G
#
_entry.id   5J6G
#
_cell.length_a   101.010
_cell.length_b   57.800
_cell.length_c   210.704
_cell.angle_alpha   90.00
_cell.angle_beta   96.15
_cell.angle_gamma   90.00
#
_symmetry.space_group_name_H-M   'I 1 2 1'
#
loop_
_entity.id
_entity.type
_entity.pdbx_description
1 polymer 'H-2 class I histocompatibility antigen, Q10 alpha chain'
2 polymer Beta-2-microglobulin
3 polymer VAL-GLY-ILE-THR-ASN-VAL-ASP-LEU
4 polymer 'Killer cell lectin-like receptor 3'
#
loop_
_entity_poly.entity_id
_entity_poly.type
_entity_poly.pdbx_seq_one_letter_code
_entity_poly.pdbx_strand_id
1 'polypeptide(L)'
;MGSHSMRYFETSVSRPGLGEPRFIIVGYVDDTQFVRFDSDAETPRMEPRAPWMEQEGPEYWERETQRAKGNEQSFHVSLR
TLLGYYNQSESGSHTIQWMYGCKVGSDGRFLRGYLQYAYDGRDYIALNEDLKTWTAADVAAIITRRKWEQAGAAEYYRAY
LEAECVEWLLRYLELGKETLLRTDPPKTHVTHHPGSEGDVTLRCWALGFYPADITLTWQLNGEELTQDMELVETRPAGDG
TFQKWASVVVPLGKEQNYTCHVYHEGLPEPLTLRWEPPPSASGSGLHHILDAQKMVWNHR
;
A,C
2 'polypeptide(L)'
;MIQKTPQIQVYSRHPPENGKPNILNCYVTQFHPPHIEIQMLKNGKKIPKVEMSDMSFSKDWSFYILAHTEFTPTETDTYA
CRVKHASMAEPKTVYWDRDM
;
B,D
3 'polypeptide(L)' VGITNVDL E,F
4 'polypeptide(L)'
;MSSRDTGRGVKYWFCYSTKCYYFIMNKTTWSGCKANCQHYSVPILKIEDEDELKFLQRHVIPENYWIGLSYDKKKKEWAW
IDNGPSKLDMKIRKMNFKSRGCVFLSKARIEDIDCNIPYYCICGKKLDKFPD
;
G,H
#
# COMPACT_ATOMS: atom_id res chain seq x y z
N GLY A 2 35.74 7.12 -22.64
CA GLY A 2 34.99 6.12 -23.39
C GLY A 2 34.29 5.09 -22.54
N SER A 3 33.21 4.51 -23.07
CA SER A 3 32.41 3.50 -22.38
C SER A 3 31.85 2.47 -23.37
N HIS A 4 31.92 1.18 -23.01
CA HIS A 4 31.43 0.07 -23.84
C HIS A 4 30.51 -0.84 -23.03
N SER A 5 29.40 -1.28 -23.63
CA SER A 5 28.44 -2.14 -22.94
C SER A 5 27.88 -3.26 -23.80
N MET A 6 27.70 -4.45 -23.18
CA MET A 6 27.13 -5.64 -23.80
C MET A 6 25.66 -5.75 -23.39
N ARG A 7 24.78 -6.12 -24.34
CA ARG A 7 23.34 -6.26 -24.07
C ARG A 7 22.76 -7.48 -24.78
N TYR A 8 22.05 -8.34 -24.03
CA TYR A 8 21.37 -9.53 -24.53
C TYR A 8 19.87 -9.34 -24.41
N PHE A 9 19.14 -9.42 -25.53
CA PHE A 9 17.69 -9.22 -25.56
C PHE A 9 16.96 -10.53 -25.86
N GLU A 10 16.42 -11.17 -24.81
CA GLU A 10 15.69 -12.44 -24.90
C GLU A 10 14.18 -12.18 -24.83
N THR A 11 13.46 -12.54 -25.89
CA THR A 11 12.00 -12.33 -25.98
C THR A 11 11.26 -13.64 -26.25
N SER A 12 10.12 -13.84 -25.56
CA SER A 12 9.27 -15.02 -25.73
C SER A 12 7.84 -14.57 -25.98
N VAL A 13 7.31 -14.86 -27.18
CA VAL A 13 5.97 -14.47 -27.63
C VAL A 13 5.08 -15.72 -27.71
N SER A 14 4.07 -15.81 -26.85
CA SER A 14 3.15 -16.95 -26.81
C SER A 14 2.16 -16.88 -27.97
N ARG A 15 2.09 -17.97 -28.76
CA ARG A 15 1.19 -18.09 -29.91
C ARG A 15 0.04 -19.04 -29.54
N PRO A 16 -1.19 -18.53 -29.31
CA PRO A 16 -2.29 -19.41 -28.88
C PRO A 16 -2.89 -20.18 -30.04
N GLY A 17 -2.84 -21.51 -29.94
CA GLY A 17 -3.38 -22.44 -30.94
C GLY A 17 -2.45 -22.79 -32.09
N LEU A 18 -1.66 -21.80 -32.57
CA LEU A 18 -0.75 -21.95 -33.71
C LEU A 18 0.71 -22.22 -33.27
N GLY A 19 0.94 -22.32 -31.97
CA GLY A 19 2.27 -22.59 -31.43
C GLY A 19 2.28 -23.45 -30.18
N GLU A 20 3.46 -23.77 -29.58
CA GLU A 20 4.86 -23.46 -29.95
C GLU A 20 5.16 -21.93 -29.96
N PRO A 21 5.43 -21.32 -28.78
CA PRO A 21 5.73 -19.87 -28.73
C PRO A 21 7.07 -19.50 -29.38
N ARG A 22 7.11 -18.31 -30.03
CA ARG A 22 8.31 -17.81 -30.70
C ARG A 22 9.28 -17.22 -29.68
N PHE A 23 10.55 -17.65 -29.74
CA PHE A 23 11.62 -17.20 -28.85
C PHE A 23 12.76 -16.60 -29.67
N ILE A 24 13.14 -15.35 -29.37
CA ILE A 24 14.19 -14.62 -30.09
C ILE A 24 15.24 -14.03 -29.13
N ILE A 25 16.54 -14.32 -29.38
CA ILE A 25 17.67 -13.78 -28.63
C ILE A 25 18.46 -12.87 -29.56
N VAL A 26 18.60 -11.59 -29.19
CA VAL A 26 19.31 -10.58 -29.96
C VAL A 26 20.42 -9.98 -29.08
N GLY A 27 21.66 -10.14 -29.50
CA GLY A 27 22.83 -9.64 -28.78
C GLY A 27 23.42 -8.40 -29.40
N TYR A 28 23.93 -7.48 -28.55
CA TYR A 28 24.53 -6.22 -28.98
C TYR A 28 25.78 -5.87 -28.17
N VAL A 29 26.83 -5.41 -28.88
CA VAL A 29 28.08 -4.91 -28.31
C VAL A 29 28.14 -3.45 -28.73
N ASP A 30 27.95 -2.53 -27.75
CA ASP A 30 27.91 -1.08 -27.91
C ASP A 30 26.65 -0.69 -28.72
N ASP A 31 26.72 -0.76 -30.06
CA ASP A 31 25.59 -0.44 -30.95
C ASP A 31 25.52 -1.39 -32.16
N THR A 32 26.41 -2.41 -32.21
CA THR A 32 26.48 -3.39 -33.30
C THR A 32 25.96 -4.75 -32.84
N GLN A 33 25.12 -5.40 -33.67
CA GLN A 33 24.56 -6.73 -33.42
C GLN A 33 25.62 -7.80 -33.72
N PHE A 34 25.80 -8.77 -32.80
CA PHE A 34 26.83 -9.80 -32.94
C PHE A 34 26.26 -11.23 -32.91
N VAL A 35 25.20 -11.50 -32.13
CA VAL A 35 24.60 -12.85 -32.03
C VAL A 35 23.07 -12.79 -32.31
N ARG A 36 22.49 -13.92 -32.78
CA ARG A 36 21.08 -14.05 -33.13
C ARG A 36 20.58 -15.48 -32.90
N PHE A 37 19.34 -15.61 -32.39
CA PHE A 37 18.67 -16.90 -32.18
C PHE A 37 17.19 -16.76 -32.47
N ASP A 38 16.61 -17.72 -33.22
CA ASP A 38 15.19 -17.72 -33.59
C ASP A 38 14.65 -19.15 -33.64
N SER A 39 13.54 -19.40 -32.93
CA SER A 39 12.88 -20.71 -32.85
C SER A 39 12.12 -21.03 -34.15
N ASP A 40 11.68 -19.99 -34.90
CA ASP A 40 10.94 -20.11 -36.15
C ASP A 40 11.85 -20.46 -37.35
N ALA A 41 13.19 -20.34 -37.17
CA ALA A 41 14.19 -20.65 -38.20
C ALA A 41 14.21 -22.15 -38.53
N GLU A 42 14.64 -22.50 -39.77
CA GLU A 42 14.75 -23.86 -40.30
C GLU A 42 15.62 -24.76 -39.40
N THR A 43 16.73 -24.21 -38.87
CA THR A 43 17.66 -24.88 -37.97
C THR A 43 17.91 -23.93 -36.80
N PRO A 44 17.24 -24.15 -35.63
CA PRO A 44 17.42 -23.22 -34.50
C PRO A 44 18.81 -23.35 -33.89
N ARG A 45 19.65 -22.34 -34.15
CA ARG A 45 21.04 -22.26 -33.70
C ARG A 45 21.48 -20.80 -33.55
N MET A 46 22.45 -20.54 -32.66
CA MET A 46 23.00 -19.20 -32.43
C MET A 46 23.80 -18.79 -33.67
N GLU A 47 23.31 -17.76 -34.39
CA GLU A 47 23.89 -17.27 -35.63
C GLU A 47 24.70 -15.97 -35.45
N PRO A 48 25.85 -15.82 -36.13
CA PRO A 48 26.61 -14.56 -36.01
C PRO A 48 26.06 -13.48 -36.95
N ARG A 49 25.89 -12.26 -36.43
CA ARG A 49 25.41 -11.14 -37.23
C ARG A 49 26.58 -10.22 -37.59
N ALA A 50 27.67 -10.29 -36.81
CA ALA A 50 28.89 -9.54 -37.02
C ALA A 50 29.92 -10.41 -37.76
N PRO A 51 30.65 -9.87 -38.77
CA PRO A 51 31.62 -10.70 -39.50
C PRO A 51 32.80 -11.17 -38.66
N TRP A 52 33.22 -10.36 -37.67
CA TRP A 52 34.34 -10.67 -36.75
C TRP A 52 33.99 -11.78 -35.76
N MET A 53 32.69 -12.09 -35.58
CA MET A 53 32.20 -13.13 -34.66
C MET A 53 32.44 -14.54 -35.20
N GLU A 54 32.73 -14.68 -36.51
CA GLU A 54 33.00 -15.95 -37.17
C GLU A 54 34.34 -16.57 -36.71
N GLN A 55 35.21 -15.76 -36.09
CA GLN A 55 36.52 -16.16 -35.55
C GLN A 55 36.36 -17.15 -34.39
N GLU A 56 35.22 -17.09 -33.67
CA GLU A 56 34.90 -17.97 -32.55
C GLU A 56 34.70 -19.41 -33.02
N GLY A 57 35.25 -20.36 -32.26
CA GLY A 57 35.22 -21.79 -32.55
C GLY A 57 33.84 -22.43 -32.55
N PRO A 58 33.73 -23.71 -32.98
CA PRO A 58 32.41 -24.36 -33.01
C PRO A 58 31.90 -24.76 -31.62
N GLU A 59 32.81 -24.88 -30.63
CA GLU A 59 32.49 -25.22 -29.25
C GLU A 59 31.71 -24.10 -28.57
N TYR A 60 31.99 -22.84 -28.94
CA TYR A 60 31.32 -21.64 -28.42
C TYR A 60 29.87 -21.58 -28.91
N TRP A 61 29.65 -21.77 -30.23
CA TRP A 61 28.33 -21.72 -30.86
C TRP A 61 27.41 -22.83 -30.37
N GLU A 62 27.96 -24.04 -30.12
CA GLU A 62 27.21 -25.18 -29.59
C GLU A 62 26.79 -24.92 -28.15
N ARG A 63 27.67 -24.25 -27.37
CA ARG A 63 27.45 -23.88 -25.97
C ARG A 63 26.37 -22.81 -25.84
N GLU A 64 26.38 -21.80 -26.74
CA GLU A 64 25.39 -20.71 -26.74
C GLU A 64 24.03 -21.20 -27.25
N THR A 65 24.00 -22.23 -28.13
CA THR A 65 22.76 -22.82 -28.66
C THR A 65 22.10 -23.63 -27.53
N GLN A 66 22.92 -24.36 -26.73
CA GLN A 66 22.48 -25.16 -25.58
C GLN A 66 21.86 -24.26 -24.51
N ARG A 67 22.41 -23.04 -24.35
CA ARG A 67 21.95 -22.02 -23.41
C ARG A 67 20.61 -21.42 -23.92
N ALA A 68 20.53 -21.12 -25.23
CA ALA A 68 19.36 -20.55 -25.90
C ALA A 68 18.18 -21.52 -25.90
N LYS A 69 18.43 -22.82 -26.20
CA LYS A 69 17.42 -23.88 -26.22
C LYS A 69 16.92 -24.16 -24.79
N GLY A 70 17.83 -24.06 -23.82
CA GLY A 70 17.54 -24.22 -22.40
C GLY A 70 16.69 -23.09 -21.85
N ASN A 71 16.91 -21.87 -22.37
CA ASN A 71 16.16 -20.67 -22.00
C ASN A 71 14.78 -20.67 -22.68
N GLU A 72 14.68 -21.26 -23.89
CA GLU A 72 13.45 -21.37 -24.67
C GLU A 72 12.39 -22.14 -23.87
N GLN A 73 12.76 -23.31 -23.29
CA GLN A 73 11.87 -24.13 -22.48
C GLN A 73 11.64 -23.50 -21.10
N SER A 74 12.61 -22.68 -20.62
CA SER A 74 12.51 -21.98 -19.33
C SER A 74 11.47 -20.86 -19.41
N PHE A 75 11.46 -20.10 -20.52
CA PHE A 75 10.50 -19.02 -20.75
C PHE A 75 9.12 -19.57 -21.11
N HIS A 76 9.07 -20.80 -21.69
CA HIS A 76 7.84 -21.49 -22.06
C HIS A 76 7.07 -21.87 -20.79
N VAL A 77 7.80 -22.37 -19.76
CA VAL A 77 7.25 -22.74 -18.45
C VAL A 77 6.87 -21.45 -17.71
N SER A 78 7.71 -20.40 -17.84
CA SER A 78 7.49 -19.09 -17.23
C SER A 78 6.24 -18.39 -17.79
N LEU A 79 5.88 -18.66 -19.06
CA LEU A 79 4.69 -18.09 -19.71
C LEU A 79 3.42 -18.65 -19.09
N ARG A 80 3.38 -19.97 -18.82
CA ARG A 80 2.25 -20.66 -18.19
C ARG A 80 2.16 -20.30 -16.70
N THR A 81 3.31 -20.08 -16.04
CA THR A 81 3.43 -19.73 -14.62
C THR A 81 2.87 -18.32 -14.41
N LEU A 82 3.26 -17.37 -15.28
CA LEU A 82 2.82 -15.97 -15.26
C LEU A 82 1.34 -15.86 -15.65
N LEU A 83 0.83 -16.82 -16.45
CA LEU A 83 -0.57 -16.88 -16.86
C LEU A 83 -1.45 -17.22 -15.65
N GLY A 84 -0.93 -18.06 -14.77
CA GLY A 84 -1.59 -18.49 -13.53
C GLY A 84 -1.51 -17.43 -12.44
N TYR A 85 -0.42 -16.64 -12.44
CA TYR A 85 -0.16 -15.56 -11.49
C TYR A 85 -1.16 -14.41 -11.67
N TYR A 86 -1.49 -14.10 -12.94
CA TYR A 86 -2.42 -13.04 -13.31
C TYR A 86 -3.84 -13.59 -13.56
N ASN A 87 -3.99 -14.95 -13.53
CA ASN A 87 -5.24 -15.71 -13.74
C ASN A 87 -5.93 -15.26 -15.07
N GLN A 88 -5.14 -15.26 -16.16
CA GLN A 88 -5.57 -14.88 -17.51
C GLN A 88 -5.94 -16.11 -18.33
N SER A 89 -6.73 -15.91 -19.40
CA SER A 89 -7.17 -16.99 -20.30
C SER A 89 -6.03 -17.48 -21.20
N GLU A 90 -6.07 -18.78 -21.55
CA GLU A 90 -5.07 -19.44 -22.40
C GLU A 90 -5.21 -19.00 -23.86
N SER A 91 -6.42 -18.55 -24.26
CA SER A 91 -6.76 -18.10 -25.62
C SER A 91 -6.04 -16.81 -26.04
N GLY A 92 -5.58 -16.03 -25.07
CA GLY A 92 -4.87 -14.77 -25.31
C GLY A 92 -3.37 -14.91 -25.50
N SER A 93 -2.77 -13.94 -26.22
CA SER A 93 -1.33 -13.90 -26.50
C SER A 93 -0.62 -12.93 -25.54
N HIS A 94 0.48 -13.40 -24.92
CA HIS A 94 1.28 -12.64 -23.96
C HIS A 94 2.76 -12.72 -24.30
N THR A 95 3.55 -11.71 -23.85
CA THR A 95 4.98 -11.63 -24.13
C THR A 95 5.83 -11.44 -22.88
N ILE A 96 7.01 -12.08 -22.85
CA ILE A 96 7.99 -11.95 -21.76
C ILE A 96 9.29 -11.43 -22.39
N GLN A 97 9.77 -10.28 -21.89
CA GLN A 97 11.00 -9.64 -22.36
C GLN A 97 12.05 -9.64 -21.25
N TRP A 98 13.30 -9.96 -21.60
CA TRP A 98 14.41 -10.00 -20.66
C TRP A 98 15.66 -9.40 -21.28
N MET A 99 16.16 -8.32 -20.69
CA MET A 99 17.38 -7.67 -21.15
C MET A 99 18.39 -7.62 -20.01
N TYR A 100 19.66 -7.96 -20.31
CA TYR A 100 20.73 -8.00 -19.34
C TYR A 100 22.09 -7.70 -19.98
N GLY A 101 23.03 -7.27 -19.15
CA GLY A 101 24.39 -6.95 -19.56
C GLY A 101 25.12 -6.03 -18.62
N CYS A 102 26.41 -5.81 -18.89
CA CYS A 102 27.29 -4.97 -18.09
C CYS A 102 27.90 -3.84 -18.93
N LYS A 103 28.18 -2.70 -18.27
CA LYS A 103 28.80 -1.52 -18.88
C LYS A 103 30.18 -1.30 -18.27
N VAL A 104 31.22 -1.26 -19.13
CA VAL A 104 32.61 -1.05 -18.70
C VAL A 104 33.08 0.34 -19.16
N GLY A 105 33.98 0.93 -18.38
CA GLY A 105 34.54 2.25 -18.67
C GLY A 105 35.66 2.25 -19.69
N SER A 106 36.54 3.24 -19.59
CA SER A 106 37.72 3.41 -20.45
C SER A 106 38.93 2.67 -19.88
N ASP A 107 38.80 2.15 -18.64
CA ASP A 107 39.83 1.41 -17.91
C ASP A 107 40.22 0.06 -18.58
N GLY A 108 39.27 -0.81 -19.01
CA GLY A 108 37.82 -0.66 -18.94
C GLY A 108 37.19 -1.58 -17.91
N ARG A 109 36.87 -1.07 -16.73
CA ARG A 109 36.28 -1.94 -15.71
C ARG A 109 34.82 -1.55 -15.39
N PHE A 110 34.06 -2.55 -14.91
CA PHE A 110 32.65 -2.55 -14.54
C PHE A 110 32.16 -1.22 -13.92
N LEU A 111 31.03 -0.70 -14.45
CA LEU A 111 30.38 0.53 -13.99
C LEU A 111 29.00 0.20 -13.41
N ARG A 112 28.14 -0.48 -14.19
CA ARG A 112 26.80 -0.88 -13.77
C ARG A 112 26.34 -2.15 -14.48
N GLY A 113 25.61 -2.98 -13.73
CA GLY A 113 25.05 -4.24 -14.21
C GLY A 113 23.53 -4.20 -14.17
N TYR A 114 22.90 -4.47 -15.31
CA TYR A 114 21.44 -4.45 -15.45
C TYR A 114 20.90 -5.84 -15.77
N LEU A 115 19.76 -6.17 -15.15
CA LEU A 115 19.04 -7.43 -15.32
C LEU A 115 17.57 -7.18 -14.98
N GLN A 116 16.77 -6.89 -16.00
CA GLN A 116 15.36 -6.53 -15.87
C GLN A 116 14.45 -7.43 -16.69
N TYR A 117 13.22 -7.64 -16.21
CA TYR A 117 12.19 -8.46 -16.85
C TYR A 117 10.93 -7.65 -17.15
N ALA A 118 10.12 -8.08 -18.13
CA ALA A 118 8.87 -7.41 -18.52
C ALA A 118 7.80 -8.39 -18.98
N TYR A 119 6.54 -8.09 -18.67
CA TYR A 119 5.39 -8.89 -19.06
C TYR A 119 4.38 -7.98 -19.76
N ASP A 120 4.11 -8.27 -21.05
CA ASP A 120 3.20 -7.52 -21.94
C ASP A 120 3.64 -6.04 -22.07
N GLY A 121 4.94 -5.83 -22.30
CA GLY A 121 5.55 -4.53 -22.50
C GLY A 121 5.69 -3.65 -21.26
N ARG A 122 5.25 -4.16 -20.09
CA ARG A 122 5.28 -3.44 -18.81
C ARG A 122 6.25 -4.11 -17.84
N ASP A 123 6.84 -3.33 -16.92
CA ASP A 123 7.76 -3.78 -15.87
C ASP A 123 7.18 -4.92 -15.04
N TYR A 124 8.03 -5.90 -14.68
CA TYR A 124 7.63 -7.03 -13.86
C TYR A 124 8.56 -7.14 -12.64
N ILE A 125 9.84 -7.51 -12.86
CA ILE A 125 10.84 -7.63 -11.81
C ILE A 125 12.19 -7.13 -12.36
N ALA A 126 12.94 -6.39 -11.53
CA ALA A 126 14.24 -5.84 -11.90
C ALA A 126 15.25 -5.92 -10.77
N LEU A 127 16.51 -6.26 -11.11
CA LEU A 127 17.60 -6.34 -10.16
C LEU A 127 18.15 -4.94 -9.91
N ASN A 128 18.19 -4.51 -8.63
CA ASN A 128 18.64 -3.19 -8.19
C ASN A 128 20.12 -2.92 -8.51
N GLU A 129 20.53 -1.64 -8.40
CA GLU A 129 21.90 -1.16 -8.65
C GLU A 129 22.93 -1.83 -7.72
N ASP A 130 22.48 -2.29 -6.53
CA ASP A 130 23.32 -2.99 -5.56
C ASP A 130 23.65 -4.41 -6.02
N LEU A 131 22.84 -4.95 -6.97
CA LEU A 131 22.93 -6.29 -7.58
C LEU A 131 22.77 -7.40 -6.51
N LYS A 132 21.95 -7.13 -5.47
CA LYS A 132 21.69 -8.06 -4.37
C LYS A 132 20.19 -8.13 -4.02
N THR A 133 19.42 -7.09 -4.38
CA THR A 133 17.97 -7.01 -4.11
C THR A 133 17.17 -6.87 -5.42
N TRP A 134 15.88 -7.27 -5.37
CA TRP A 134 14.93 -7.20 -6.49
C TRP A 134 13.84 -6.15 -6.21
N THR A 135 13.25 -5.59 -7.27
CA THR A 135 12.16 -4.62 -7.15
C THR A 135 10.97 -5.18 -7.94
N ALA A 136 9.91 -5.59 -7.23
CA ALA A 136 8.69 -6.15 -7.80
C ALA A 136 7.69 -5.04 -8.15
N ALA A 137 7.12 -5.10 -9.36
CA ALA A 137 6.17 -4.10 -9.86
C ALA A 137 4.79 -4.27 -9.22
N ASP A 138 4.27 -5.52 -9.18
CA ASP A 138 2.95 -5.83 -8.62
C ASP A 138 3.01 -7.03 -7.65
N VAL A 139 1.83 -7.45 -7.11
CA VAL A 139 1.68 -8.55 -6.15
C VAL A 139 2.06 -9.90 -6.77
N ALA A 140 1.83 -10.09 -8.09
CA ALA A 140 2.18 -11.33 -8.80
C ALA A 140 3.69 -11.47 -8.95
N ALA A 141 4.42 -10.34 -9.01
CA ALA A 141 5.87 -10.28 -9.13
C ALA A 141 6.57 -10.56 -7.79
N ILE A 142 5.87 -10.34 -6.66
CA ILE A 142 6.37 -10.58 -5.30
C ILE A 142 6.54 -12.10 -5.10
N ILE A 143 5.64 -12.92 -5.72
CA ILE A 143 5.67 -14.39 -5.68
C ILE A 143 6.98 -14.88 -6.33
N THR A 144 7.39 -14.24 -7.44
CA THR A 144 8.63 -14.55 -8.16
C THR A 144 9.84 -14.11 -7.33
N ARG A 145 9.73 -12.95 -6.63
CA ARG A 145 10.79 -12.39 -5.77
C ARG A 145 11.06 -13.30 -4.57
N ARG A 146 10.00 -13.81 -3.92
CA ARG A 146 10.07 -14.70 -2.75
C ARG A 146 10.65 -16.06 -3.15
N LYS A 147 10.37 -16.50 -4.39
CA LYS A 147 10.85 -17.77 -4.96
C LYS A 147 12.35 -17.67 -5.32
N TRP A 148 12.79 -16.47 -5.79
CA TRP A 148 14.17 -16.19 -6.19
C TRP A 148 15.06 -15.79 -5.00
N GLU A 149 14.44 -15.42 -3.85
CA GLU A 149 15.15 -15.06 -2.63
C GLU A 149 15.73 -16.32 -1.96
N GLN A 150 14.92 -17.41 -1.90
CA GLN A 150 15.32 -18.70 -1.33
C GLN A 150 16.29 -19.43 -2.27
N ALA A 151 16.03 -19.36 -3.58
CA ALA A 151 16.84 -19.99 -4.63
C ALA A 151 18.22 -19.32 -4.79
N GLY A 152 18.29 -18.03 -4.46
CA GLY A 152 19.52 -17.23 -4.56
C GLY A 152 19.87 -16.85 -5.99
N ALA A 153 18.88 -16.33 -6.73
CA ALA A 153 19.04 -15.91 -8.13
C ALA A 153 19.82 -14.60 -8.23
N ALA A 154 19.60 -13.67 -7.28
CA ALA A 154 20.26 -12.36 -7.22
C ALA A 154 21.79 -12.50 -7.11
N GLU A 155 22.25 -13.46 -6.28
CA GLU A 155 23.67 -13.74 -6.07
C GLU A 155 24.27 -14.46 -7.29
N TYR A 156 23.46 -15.29 -7.97
CA TYR A 156 23.85 -16.05 -9.18
C TYR A 156 24.11 -15.11 -10.35
N TYR A 157 23.17 -14.17 -10.60
CA TYR A 157 23.27 -13.20 -11.69
C TYR A 157 24.38 -12.18 -11.42
N ARG A 158 24.64 -11.85 -10.13
CA ARG A 158 25.70 -10.93 -9.71
C ARG A 158 27.08 -11.49 -10.09
N ALA A 159 27.25 -12.82 -9.95
CA ALA A 159 28.49 -13.55 -10.26
C ALA A 159 28.81 -13.48 -11.77
N TYR A 160 27.78 -13.32 -12.62
CA TYR A 160 27.91 -13.22 -14.07
C TYR A 160 28.20 -11.77 -14.48
N LEU A 161 27.27 -10.84 -14.13
CA LEU A 161 27.31 -9.41 -14.47
C LEU A 161 28.59 -8.70 -14.03
N GLU A 162 29.13 -9.03 -12.85
CA GLU A 162 30.33 -8.39 -12.32
C GLU A 162 31.63 -9.09 -12.78
N ALA A 163 31.57 -10.36 -13.24
CA ALA A 163 32.77 -11.08 -13.64
C ALA A 163 32.71 -11.69 -15.06
N GLU A 164 31.84 -12.69 -15.29
CA GLU A 164 31.71 -13.41 -16.56
C GLU A 164 31.31 -12.51 -17.75
N CYS A 165 30.46 -11.48 -17.50
CA CYS A 165 29.99 -10.54 -18.51
C CYS A 165 31.15 -9.65 -18.99
N VAL A 166 31.89 -9.05 -18.02
CA VAL A 166 33.04 -8.15 -18.24
C VAL A 166 34.15 -8.90 -19.01
N GLU A 167 34.46 -10.13 -18.59
CA GLU A 167 35.49 -11.00 -19.18
C GLU A 167 35.23 -11.26 -20.68
N TRP A 168 33.96 -11.53 -21.04
CA TRP A 168 33.57 -11.80 -22.44
C TRP A 168 33.43 -10.53 -23.26
N LEU A 169 32.95 -9.42 -22.65
CA LEU A 169 32.80 -8.13 -23.33
C LEU A 169 34.16 -7.59 -23.80
N LEU A 170 35.21 -7.76 -22.95
CA LEU A 170 36.58 -7.36 -23.27
C LEU A 170 37.17 -8.27 -24.37
N ARG A 171 36.69 -9.53 -24.45
CA ARG A 171 37.10 -10.50 -25.47
C ARG A 171 36.50 -10.14 -26.83
N TYR A 172 35.19 -9.77 -26.86
CA TYR A 172 34.47 -9.39 -28.09
C TYR A 172 35.03 -8.08 -28.67
N LEU A 173 35.50 -7.16 -27.80
CA LEU A 173 36.10 -5.88 -28.19
C LEU A 173 37.45 -6.12 -28.89
N GLU A 174 38.17 -7.18 -28.46
CA GLU A 174 39.45 -7.59 -29.04
C GLU A 174 39.22 -8.24 -30.43
N LEU A 175 38.12 -9.02 -30.55
CA LEU A 175 37.73 -9.70 -31.78
C LEU A 175 37.26 -8.70 -32.85
N GLY A 176 36.58 -7.64 -32.43
CA GLY A 176 36.09 -6.58 -33.31
C GLY A 176 36.78 -5.26 -33.03
N LYS A 177 38.13 -5.28 -33.00
CA LYS A 177 39.00 -4.13 -32.72
C LYS A 177 38.82 -2.98 -33.71
N GLU A 178 38.77 -3.29 -35.02
CA GLU A 178 38.62 -2.29 -36.09
C GLU A 178 37.15 -2.04 -36.46
N THR A 179 36.20 -2.69 -35.74
CA THR A 179 34.77 -2.58 -36.03
C THR A 179 33.99 -1.92 -34.87
N LEU A 180 34.41 -2.15 -33.60
CA LEU A 180 33.70 -1.62 -32.43
C LEU A 180 34.37 -0.39 -31.83
N LEU A 181 35.71 -0.40 -31.73
CA LEU A 181 36.50 0.69 -31.13
C LEU A 181 36.63 1.92 -32.07
N ARG A 182 36.26 1.76 -33.35
CA ARG A 182 36.30 2.83 -34.37
C ARG A 182 35.26 3.92 -34.09
N THR A 183 35.57 5.17 -34.48
CA THR A 183 34.68 6.33 -34.30
C THR A 183 34.66 7.15 -35.60
N ASP A 184 33.49 7.15 -36.28
CA ASP A 184 33.30 7.90 -37.52
C ASP A 184 32.62 9.24 -37.23
N PRO A 185 33.24 10.38 -37.61
CA PRO A 185 32.59 11.68 -37.34
C PRO A 185 31.38 11.92 -38.25
N PRO A 186 30.33 12.61 -37.77
CA PRO A 186 29.14 12.80 -38.62
C PRO A 186 29.35 13.84 -39.73
N LYS A 187 28.77 13.54 -40.91
CA LYS A 187 28.80 14.44 -42.07
C LYS A 187 27.61 15.39 -41.89
N THR A 188 27.90 16.64 -41.52
CA THR A 188 26.86 17.63 -41.21
C THR A 188 26.72 18.71 -42.29
N HIS A 189 25.45 19.15 -42.50
CA HIS A 189 25.03 20.19 -43.44
C HIS A 189 23.63 20.71 -43.06
N VAL A 190 23.36 22.01 -43.30
CA VAL A 190 22.08 22.62 -42.98
C VAL A 190 21.29 22.87 -44.29
N THR A 191 20.04 22.39 -44.33
CA THR A 191 19.14 22.53 -45.49
C THR A 191 18.04 23.56 -45.21
N HIS A 192 17.60 24.26 -46.27
CA HIS A 192 16.59 25.31 -46.21
C HIS A 192 15.26 24.82 -46.82
N HIS A 193 14.13 25.10 -46.12
CA HIS A 193 12.80 24.72 -46.58
C HIS A 193 11.85 25.93 -46.52
N PRO A 194 11.34 26.41 -47.68
CA PRO A 194 10.46 27.59 -47.66
C PRO A 194 9.04 27.27 -47.24
N GLY A 195 8.39 28.21 -46.55
CA GLY A 195 7.02 28.10 -46.08
C GLY A 195 6.03 29.03 -46.76
N SER A 196 4.80 29.10 -46.22
CA SER A 196 3.73 29.93 -46.77
C SER A 196 3.25 30.99 -45.77
N GLU A 197 3.55 30.81 -44.47
CA GLU A 197 3.15 31.71 -43.40
C GLU A 197 4.24 32.76 -43.05
N GLY A 198 5.12 33.03 -44.01
CA GLY A 198 6.22 33.99 -43.87
C GLY A 198 7.31 33.52 -42.93
N ASP A 199 7.53 32.20 -42.87
CA ASP A 199 8.54 31.56 -42.02
C ASP A 199 9.14 30.35 -42.74
N VAL A 200 10.44 30.10 -42.51
CA VAL A 200 11.17 28.99 -43.14
C VAL A 200 11.58 27.93 -42.10
N THR A 201 11.68 26.66 -42.54
CA THR A 201 12.07 25.53 -41.70
C THR A 201 13.53 25.17 -41.97
N LEU A 202 14.37 25.26 -40.92
CA LEU A 202 15.80 24.96 -41.00
C LEU A 202 16.09 23.59 -40.40
N ARG A 203 16.70 22.68 -41.19
CA ARG A 203 17.02 21.31 -40.77
C ARG A 203 18.53 21.09 -40.66
N CYS A 204 18.98 20.73 -39.45
CA CYS A 204 20.39 20.45 -39.14
C CYS A 204 20.62 18.95 -39.26
N TRP A 205 21.20 18.51 -40.37
CA TRP A 205 21.45 17.11 -40.67
C TRP A 205 22.78 16.60 -40.11
N ALA A 206 22.80 15.32 -39.73
CA ALA A 206 23.97 14.58 -39.23
C ALA A 206 23.88 13.15 -39.76
N LEU A 207 24.69 12.83 -40.78
CA LEU A 207 24.68 11.53 -41.45
C LEU A 207 26.01 10.81 -41.34
N GLY A 208 25.97 9.48 -41.31
CA GLY A 208 27.14 8.61 -41.26
C GLY A 208 28.02 8.78 -40.04
N PHE A 209 27.61 8.21 -38.89
CA PHE A 209 28.38 8.29 -37.64
C PHE A 209 28.18 7.06 -36.76
N TYR A 210 29.24 6.70 -36.01
CA TYR A 210 29.28 5.58 -35.07
C TYR A 210 30.07 5.99 -33.82
N PRO A 211 29.53 5.79 -32.59
CA PRO A 211 28.23 5.16 -32.25
C PRO A 211 27.03 6.10 -32.46
N ALA A 212 25.82 5.60 -32.19
CA ALA A 212 24.55 6.31 -32.34
C ALA A 212 24.40 7.50 -31.37
N ASP A 213 25.14 7.48 -30.24
CA ASP A 213 25.11 8.50 -29.20
C ASP A 213 25.55 9.88 -29.75
N ILE A 214 24.56 10.77 -29.95
CA ILE A 214 24.74 12.12 -30.47
C ILE A 214 23.65 13.05 -29.88
N THR A 215 23.91 14.37 -29.79
CA THR A 215 22.95 15.35 -29.27
C THR A 215 22.99 16.61 -30.13
N LEU A 216 21.94 16.82 -30.93
CA LEU A 216 21.78 17.96 -31.84
C LEU A 216 20.90 19.02 -31.19
N THR A 217 21.42 20.27 -31.08
CA THR A 217 20.72 21.40 -30.47
C THR A 217 20.77 22.66 -31.34
N TRP A 218 19.67 23.43 -31.32
CA TRP A 218 19.53 24.70 -32.05
C TRP A 218 19.62 25.87 -31.06
N GLN A 219 20.57 26.79 -31.32
CA GLN A 219 20.82 27.94 -30.46
C GLN A 219 20.64 29.27 -31.19
N LEU A 220 20.08 30.27 -30.49
CA LEU A 220 19.83 31.61 -31.00
C LEU A 220 20.75 32.63 -30.28
N ASN A 221 20.72 32.63 -28.94
CA ASN A 221 21.51 33.52 -28.09
C ASN A 221 22.03 32.81 -26.83
N GLY A 222 21.54 31.59 -26.59
CA GLY A 222 21.91 30.77 -25.45
C GLY A 222 23.34 30.29 -25.44
N THR A 226 14.73 25.65 -28.09
CA THR A 226 15.03 24.37 -27.45
C THR A 226 13.74 23.54 -27.31
N GLN A 227 12.65 24.17 -26.83
CA GLN A 227 11.35 23.52 -26.65
C GLN A 227 10.57 23.53 -27.97
N ASP A 228 10.79 24.57 -28.80
CA ASP A 228 10.17 24.77 -30.12
C ASP A 228 10.76 23.83 -31.18
N MET A 229 11.92 23.20 -30.87
CA MET A 229 12.69 22.27 -31.71
C MET A 229 11.90 21.01 -32.06
N GLU A 230 12.22 20.41 -33.23
CA GLU A 230 11.62 19.18 -33.74
C GLU A 230 12.72 18.15 -34.05
N LEU A 231 13.18 17.46 -32.99
CA LEU A 231 14.24 16.45 -33.05
C LEU A 231 13.62 15.07 -33.27
N VAL A 232 14.26 14.27 -34.15
CA VAL A 232 13.82 12.90 -34.46
C VAL A 232 14.79 11.89 -33.83
N GLU A 233 14.33 10.63 -33.67
CA GLU A 233 15.10 9.54 -33.09
C GLU A 233 16.28 9.16 -34.00
N THR A 234 17.41 8.69 -33.40
CA THR A 234 18.59 8.26 -34.14
C THR A 234 18.21 7.00 -34.92
N ARG A 235 18.36 7.07 -36.26
CA ARG A 235 17.99 5.98 -37.17
C ARG A 235 19.23 5.31 -37.81
N PRO A 236 19.24 3.96 -37.95
CA PRO A 236 20.41 3.32 -38.56
C PRO A 236 20.36 3.35 -40.10
N ALA A 237 21.48 3.72 -40.73
CA ALA A 237 21.61 3.82 -42.19
C ALA A 237 21.46 2.45 -42.89
N GLY A 238 21.95 1.40 -42.24
CA GLY A 238 21.90 0.03 -42.76
C GLY A 238 23.27 -0.54 -43.08
N ASP A 239 24.21 0.33 -43.48
CA ASP A 239 25.59 -0.01 -43.83
C ASP A 239 26.49 -0.16 -42.59
N GLY A 240 26.01 0.35 -41.45
CA GLY A 240 26.72 0.30 -40.17
C GLY A 240 26.86 1.65 -39.49
N THR A 241 26.32 2.71 -40.09
CA THR A 241 26.36 4.07 -39.56
C THR A 241 24.94 4.52 -39.15
N PHE A 242 24.83 5.71 -38.52
CA PHE A 242 23.56 6.24 -38.02
C PHE A 242 23.25 7.63 -38.60
N GLN A 243 21.98 8.07 -38.45
CA GLN A 243 21.46 9.36 -38.92
C GLN A 243 20.55 10.00 -37.87
N LYS A 244 20.55 11.35 -37.78
CA LYS A 244 19.72 12.15 -36.87
C LYS A 244 19.66 13.61 -37.31
N TRP A 245 18.48 14.25 -37.18
CA TRP A 245 18.33 15.66 -37.56
C TRP A 245 17.39 16.44 -36.63
N ALA A 246 17.63 17.75 -36.50
CA ALA A 246 16.85 18.69 -35.70
C ALA A 246 16.26 19.78 -36.58
N SER A 247 14.98 20.12 -36.37
CA SER A 247 14.27 21.13 -37.16
C SER A 247 13.71 22.27 -36.29
N VAL A 248 13.74 23.50 -36.82
CA VAL A 248 13.22 24.71 -36.16
C VAL A 248 12.50 25.62 -37.17
N VAL A 249 11.37 26.20 -36.74
CA VAL A 249 10.59 27.14 -37.56
C VAL A 249 11.14 28.53 -37.24
N VAL A 250 11.87 29.12 -38.21
CA VAL A 250 12.53 30.42 -38.04
C VAL A 250 11.97 31.50 -39.00
N PRO A 251 11.96 32.81 -38.62
CA PRO A 251 11.42 33.83 -39.54
C PRO A 251 12.35 34.10 -40.73
N LEU A 252 11.76 34.51 -41.86
CA LEU A 252 12.49 34.83 -43.10
C LEU A 252 13.40 36.05 -42.91
N GLY A 253 14.66 35.89 -43.31
CA GLY A 253 15.68 36.92 -43.19
C GLY A 253 16.72 36.60 -42.13
N LYS A 254 16.28 35.96 -41.03
CA LYS A 254 17.14 35.56 -39.91
C LYS A 254 17.60 34.10 -40.06
N GLU A 255 18.18 33.77 -41.24
CA GLU A 255 18.68 32.42 -41.55
C GLU A 255 20.06 32.18 -40.90
N GLN A 256 20.90 33.23 -40.84
CA GLN A 256 22.25 33.20 -40.29
C GLN A 256 22.26 33.44 -38.76
N ASN A 257 21.15 34.00 -38.22
CA ASN A 257 21.02 34.31 -36.78
C ASN A 257 20.93 33.05 -35.91
N TYR A 258 20.40 31.94 -36.49
CA TYR A 258 20.25 30.65 -35.80
C TYR A 258 21.41 29.72 -36.13
N THR A 259 22.09 29.20 -35.08
CA THR A 259 23.26 28.33 -35.22
C THR A 259 22.99 26.95 -34.58
N CYS A 260 23.37 25.87 -35.28
CA CYS A 260 23.21 24.49 -34.84
C CYS A 260 24.49 24.00 -34.13
N HIS A 261 24.33 23.09 -33.16
CA HIS A 261 25.43 22.52 -32.39
C HIS A 261 25.37 20.99 -32.40
N VAL A 262 26.48 20.35 -32.79
CA VAL A 262 26.61 18.89 -32.90
C VAL A 262 27.57 18.38 -31.81
N TYR A 263 27.10 17.42 -31.00
CA TYR A 263 27.87 16.84 -29.90
C TYR A 263 28.04 15.32 -30.12
N HIS A 264 29.24 14.91 -30.57
CA HIS A 264 29.59 13.51 -30.82
C HIS A 264 31.01 13.21 -30.30
N GLU A 265 31.24 11.97 -29.85
CA GLU A 265 32.54 11.53 -29.30
C GLU A 265 33.62 11.44 -30.41
N GLY A 266 33.21 11.24 -31.65
CA GLY A 266 34.10 11.16 -32.81
C GLY A 266 34.70 12.50 -33.20
N LEU A 267 34.03 13.61 -32.83
CA LEU A 267 34.48 14.98 -33.13
C LEU A 267 35.41 15.50 -32.02
N PRO A 268 36.53 16.18 -32.36
CA PRO A 268 37.43 16.68 -31.31
C PRO A 268 36.85 17.89 -30.55
N GLU A 269 36.01 18.69 -31.22
CA GLU A 269 35.36 19.89 -30.68
C GLU A 269 33.93 20.01 -31.20
N PRO A 270 32.95 20.54 -30.41
CA PRO A 270 31.57 20.65 -30.92
C PRO A 270 31.47 21.60 -32.10
N LEU A 271 30.80 21.16 -33.18
CA LEU A 271 30.65 21.90 -34.44
C LEU A 271 29.56 22.97 -34.37
N THR A 272 29.79 24.08 -35.08
CA THR A 272 28.86 25.22 -35.20
C THR A 272 28.48 25.34 -36.69
N LEU A 273 27.18 25.21 -37.01
CA LEU A 273 26.71 25.25 -38.39
C LEU A 273 25.64 26.32 -38.66
N ARG A 274 25.69 26.91 -39.87
CA ARG A 274 24.77 27.96 -40.37
C ARG A 274 24.44 27.71 -41.85
N TRP A 275 23.26 28.18 -42.30
CA TRP A 275 22.80 28.04 -43.69
C TRP A 275 23.60 28.97 -44.62
N GLU A 276 24.03 28.43 -45.78
CA GLU A 276 24.79 29.17 -46.79
C GLU A 276 24.17 29.00 -48.18
N ILE B 2 -1.88 -4.08 -22.58
CA ILE B 2 -1.11 -2.90 -22.93
C ILE B 2 -0.76 -2.89 -24.42
N GLN B 3 -0.94 -1.73 -25.08
CA GLN B 3 -0.66 -1.55 -26.51
C GLN B 3 0.02 -0.21 -26.78
N LYS B 4 1.02 -0.21 -27.69
CA LYS B 4 1.78 0.97 -28.09
C LYS B 4 1.72 1.16 -29.61
N THR B 5 1.34 2.36 -30.07
CA THR B 5 1.24 2.69 -31.50
C THR B 5 2.64 2.91 -32.08
N PRO B 6 2.98 2.27 -33.23
CA PRO B 6 4.33 2.44 -33.80
C PRO B 6 4.56 3.80 -34.47
N GLN B 7 5.83 4.21 -34.56
CA GLN B 7 6.27 5.44 -35.20
C GLN B 7 7.18 5.07 -36.36
N ILE B 8 6.68 5.27 -37.60
CA ILE B 8 7.39 4.91 -38.83
C ILE B 8 8.26 6.06 -39.36
N GLN B 9 9.50 5.72 -39.76
CA GLN B 9 10.47 6.65 -40.34
C GLN B 9 10.97 6.11 -41.69
N VAL B 10 10.56 6.77 -42.79
CA VAL B 10 10.96 6.37 -44.14
C VAL B 10 12.03 7.35 -44.63
N TYR B 11 13.23 6.81 -44.94
CA TYR B 11 14.41 7.58 -45.36
C TYR B 11 15.35 6.74 -46.23
N SER B 12 16.31 7.41 -46.89
CA SER B 12 17.32 6.76 -47.74
C SER B 12 18.66 6.64 -47.00
N ARG B 13 19.45 5.61 -47.34
CA ARG B 13 20.77 5.32 -46.75
C ARG B 13 21.76 6.45 -47.06
N HIS B 14 21.76 6.93 -48.31
CA HIS B 14 22.61 8.02 -48.81
C HIS B 14 21.72 9.19 -49.29
N PRO B 15 22.22 10.46 -49.38
CA PRO B 15 21.34 11.56 -49.85
C PRO B 15 20.66 11.26 -51.19
N PRO B 16 19.34 11.54 -51.34
CA PRO B 16 18.65 11.18 -52.59
C PRO B 16 19.16 11.94 -53.82
N GLU B 17 19.38 11.19 -54.91
CA GLU B 17 19.84 11.68 -56.21
C GLU B 17 19.15 10.89 -57.31
N ASN B 18 18.44 11.58 -58.21
CA ASN B 18 17.67 11.00 -59.33
C ASN B 18 18.55 10.16 -60.26
N GLY B 19 18.13 8.92 -60.50
CA GLY B 19 18.83 7.97 -61.36
C GLY B 19 19.83 7.08 -60.66
N LYS B 20 20.50 7.61 -59.62
CA LYS B 20 21.52 6.91 -58.84
C LYS B 20 20.90 5.80 -57.96
N PRO B 21 21.52 4.60 -57.88
CA PRO B 21 20.94 3.53 -57.05
C PRO B 21 21.17 3.78 -55.56
N ASN B 22 20.09 3.72 -54.77
CA ASN B 22 20.10 3.96 -53.32
C ASN B 22 19.31 2.86 -52.59
N ILE B 23 19.31 2.90 -51.23
CA ILE B 23 18.61 1.92 -50.39
C ILE B 23 17.60 2.66 -49.50
N LEU B 24 16.32 2.28 -49.58
CA LEU B 24 15.22 2.87 -48.80
C LEU B 24 15.07 2.09 -47.50
N ASN B 25 15.03 2.81 -46.36
CA ASN B 25 14.90 2.20 -45.04
C ASN B 25 13.56 2.56 -44.39
N CYS B 26 12.89 1.55 -43.83
CA CYS B 26 11.62 1.69 -43.11
C CYS B 26 11.87 1.32 -41.66
N TYR B 27 12.02 2.35 -40.79
CA TYR B 27 12.32 2.19 -39.38
C TYR B 27 11.05 2.28 -38.53
N VAL B 28 10.52 1.11 -38.13
CA VAL B 28 9.32 0.98 -37.30
C VAL B 28 9.79 0.97 -35.84
N THR B 29 9.43 2.03 -35.08
CA THR B 29 9.88 2.23 -33.71
C THR B 29 8.74 2.32 -32.68
N GLN B 30 9.07 2.04 -31.40
CA GLN B 30 8.23 2.12 -30.21
C GLN B 30 6.84 1.47 -30.38
N PHE B 31 6.79 0.14 -30.48
CA PHE B 31 5.52 -0.57 -30.64
C PHE B 31 5.42 -1.82 -29.75
N HIS B 32 4.17 -2.16 -29.39
CA HIS B 32 3.79 -3.34 -28.60
C HIS B 32 2.30 -3.67 -28.87
N PRO B 33 1.89 -4.93 -29.15
CA PRO B 33 2.66 -6.19 -29.19
C PRO B 33 3.70 -6.27 -30.32
N PRO B 34 4.71 -7.18 -30.24
CA PRO B 34 5.73 -7.25 -31.31
C PRO B 34 5.20 -7.75 -32.66
N HIS B 35 4.06 -8.47 -32.68
CA HIS B 35 3.45 -8.98 -33.92
C HIS B 35 3.07 -7.81 -34.82
N ILE B 36 3.83 -7.63 -35.91
CA ILE B 36 3.66 -6.52 -36.85
C ILE B 36 3.88 -7.00 -38.32
N GLU B 37 3.15 -6.36 -39.25
CA GLU B 37 3.24 -6.64 -40.69
C GLU B 37 3.67 -5.37 -41.43
N ILE B 38 4.97 -5.29 -41.78
CA ILE B 38 5.56 -4.15 -42.48
C ILE B 38 5.63 -4.45 -43.98
N GLN B 39 5.12 -3.54 -44.81
CA GLN B 39 5.12 -3.68 -46.26
C GLN B 39 5.67 -2.41 -46.93
N MET B 40 6.76 -2.57 -47.69
CA MET B 40 7.41 -1.47 -48.42
C MET B 40 6.82 -1.42 -49.83
N LEU B 41 6.26 -0.26 -50.22
CA LEU B 41 5.59 -0.06 -51.51
C LEU B 41 6.27 0.97 -52.40
N LYS B 42 6.16 0.77 -53.72
CA LYS B 42 6.66 1.65 -54.77
C LYS B 42 5.52 1.93 -55.75
N ASN B 43 4.86 3.10 -55.59
CA ASN B 43 3.70 3.57 -56.35
C ASN B 43 2.52 2.58 -56.22
N GLY B 44 2.05 2.42 -54.97
CA GLY B 44 0.94 1.54 -54.63
C GLY B 44 1.31 0.08 -54.43
N LYS B 45 1.89 -0.55 -55.48
CA LYS B 45 2.32 -1.95 -55.46
C LYS B 45 3.54 -2.15 -54.56
N LYS B 46 3.60 -3.31 -53.88
CA LYS B 46 4.69 -3.67 -52.95
C LYS B 46 5.97 -4.02 -53.70
N ILE B 47 7.13 -3.64 -53.12
CA ILE B 47 8.47 -3.89 -53.65
C ILE B 47 8.78 -5.39 -53.50
N PRO B 48 9.33 -6.04 -54.56
CA PRO B 48 9.51 -7.50 -54.56
C PRO B 48 10.49 -8.01 -53.49
N LYS B 49 11.80 -7.73 -53.63
CA LYS B 49 12.83 -8.18 -52.68
C LYS B 49 13.03 -7.16 -51.55
N VAL B 50 12.42 -7.45 -50.38
CA VAL B 50 12.50 -6.61 -49.18
C VAL B 50 13.09 -7.46 -48.04
N GLU B 51 14.30 -7.12 -47.59
CA GLU B 51 14.98 -7.85 -46.51
C GLU B 51 14.77 -7.14 -45.18
N MET B 52 14.42 -7.92 -44.14
CA MET B 52 14.16 -7.39 -42.81
C MET B 52 15.24 -7.78 -41.80
N SER B 53 15.43 -6.92 -40.79
CA SER B 53 16.39 -7.09 -39.71
C SER B 53 15.75 -7.81 -38.53
N ASP B 54 16.58 -8.35 -37.61
CA ASP B 54 16.09 -9.06 -36.43
C ASP B 54 15.46 -8.06 -35.44
N MET B 55 14.24 -8.37 -34.97
CA MET B 55 13.48 -7.51 -34.06
C MET B 55 14.15 -7.42 -32.69
N SER B 56 14.40 -6.17 -32.24
CA SER B 56 15.02 -5.86 -30.96
C SER B 56 14.14 -4.87 -30.17
N PHE B 57 14.50 -4.60 -28.90
CA PHE B 57 13.76 -3.66 -28.04
C PHE B 57 14.72 -2.82 -27.20
N SER B 58 14.31 -1.59 -26.85
CA SER B 58 15.13 -0.69 -26.02
C SER B 58 14.84 -0.91 -24.53
N LYS B 59 15.37 -0.01 -23.67
CA LYS B 59 15.24 -0.05 -22.22
C LYS B 59 13.77 0.07 -21.75
N ASP B 60 12.92 0.82 -22.50
CA ASP B 60 11.50 1.03 -22.15
C ASP B 60 10.60 -0.11 -22.69
N TRP B 61 11.20 -1.27 -23.06
CA TRP B 61 10.57 -2.50 -23.56
C TRP B 61 9.83 -2.35 -24.91
N SER B 62 9.86 -1.16 -25.52
CA SER B 62 9.22 -0.92 -26.81
C SER B 62 10.05 -1.55 -27.93
N PHE B 63 9.40 -2.26 -28.86
CA PHE B 63 10.08 -2.97 -29.95
C PHE B 63 10.51 -2.06 -31.10
N TYR B 64 11.61 -2.44 -31.76
CA TYR B 64 12.26 -1.76 -32.88
C TYR B 64 12.59 -2.76 -34.00
N ILE B 65 12.31 -2.40 -35.26
CA ILE B 65 12.59 -3.22 -36.44
C ILE B 65 12.86 -2.33 -37.66
N LEU B 66 13.77 -2.77 -38.56
CA LEU B 66 14.15 -2.07 -39.78
C LEU B 66 13.96 -2.96 -41.00
N ALA B 67 13.39 -2.39 -42.08
CA ALA B 67 13.16 -3.05 -43.37
C ALA B 67 13.82 -2.23 -44.47
N HIS B 68 14.70 -2.85 -45.27
CA HIS B 68 15.42 -2.15 -46.33
C HIS B 68 15.36 -2.90 -47.67
N THR B 69 15.40 -2.14 -48.78
CA THR B 69 15.38 -2.63 -50.17
C THR B 69 16.03 -1.60 -51.11
N GLU B 70 16.67 -2.08 -52.19
CA GLU B 70 17.32 -1.24 -53.20
C GLU B 70 16.27 -0.53 -54.05
N PHE B 71 16.49 0.77 -54.35
CA PHE B 71 15.55 1.59 -55.11
C PHE B 71 16.25 2.70 -55.92
N THR B 72 15.62 3.12 -57.03
CA THR B 72 16.14 4.19 -57.88
C THR B 72 15.15 5.38 -57.77
N PRO B 73 15.49 6.45 -57.02
CA PRO B 73 14.56 7.58 -56.86
C PRO B 73 14.36 8.39 -58.14
N THR B 74 13.10 8.80 -58.38
CA THR B 74 12.69 9.61 -59.53
C THR B 74 11.75 10.72 -59.02
N GLU B 75 11.67 11.85 -59.76
CA GLU B 75 10.82 13.00 -59.43
C GLU B 75 9.32 12.66 -59.45
N THR B 76 8.93 11.63 -60.23
CA THR B 76 7.53 11.19 -60.36
C THR B 76 7.23 9.97 -59.48
N ASP B 77 8.19 9.02 -59.34
CA ASP B 77 8.05 7.77 -58.57
C ASP B 77 7.79 8.04 -57.08
N THR B 78 6.72 7.45 -56.54
CA THR B 78 6.31 7.58 -55.15
C THR B 78 6.68 6.31 -54.36
N TYR B 79 7.28 6.51 -53.18
CA TYR B 79 7.67 5.43 -52.28
C TYR B 79 7.00 5.61 -50.92
N ALA B 80 6.40 4.54 -50.38
CA ALA B 80 5.70 4.57 -49.09
C ALA B 80 5.85 3.24 -48.35
N CYS B 81 5.73 3.28 -47.00
CA CYS B 81 5.84 2.10 -46.15
C CYS B 81 4.56 1.91 -45.33
N ARG B 82 3.74 0.90 -45.70
CA ARG B 82 2.48 0.58 -45.01
C ARG B 82 2.76 -0.39 -43.87
N VAL B 83 2.31 -0.04 -42.65
CA VAL B 83 2.53 -0.85 -41.45
C VAL B 83 1.17 -1.26 -40.85
N LYS B 84 0.99 -2.57 -40.64
CA LYS B 84 -0.23 -3.15 -40.05
C LYS B 84 0.08 -3.66 -38.64
N HIS B 85 -0.58 -3.07 -37.63
CA HIS B 85 -0.37 -3.41 -36.21
C HIS B 85 -1.72 -3.51 -35.48
N ALA B 86 -1.75 -4.26 -34.36
CA ALA B 86 -2.92 -4.50 -33.51
C ALA B 86 -3.48 -3.23 -32.86
N SER B 87 -2.60 -2.26 -32.53
CA SER B 87 -2.97 -0.98 -31.88
C SER B 87 -3.79 -0.07 -32.81
N MET B 88 -3.56 -0.18 -34.14
CA MET B 88 -4.25 0.63 -35.14
C MET B 88 -5.38 -0.14 -35.80
N ALA B 89 -6.56 0.51 -35.97
CA ALA B 89 -7.73 -0.08 -36.61
C ALA B 89 -7.51 -0.18 -38.13
N GLU B 90 -6.90 0.86 -38.72
CA GLU B 90 -6.57 0.95 -40.15
C GLU B 90 -5.04 0.98 -40.33
N PRO B 91 -4.47 0.33 -41.37
CA PRO B 91 -3.01 0.34 -41.54
C PRO B 91 -2.50 1.70 -42.01
N LYS B 92 -1.51 2.25 -41.29
CA LYS B 92 -0.89 3.55 -41.59
C LYS B 92 0.18 3.41 -42.65
N THR B 93 0.10 4.26 -43.69
CA THR B 93 1.05 4.28 -44.81
C THR B 93 1.80 5.62 -44.80
N VAL B 94 3.09 5.59 -44.44
CA VAL B 94 3.93 6.78 -44.37
C VAL B 94 4.73 6.91 -45.67
N TYR B 95 4.49 8.00 -46.40
CA TYR B 95 5.16 8.30 -47.67
C TYR B 95 6.57 8.82 -47.44
N TRP B 96 7.51 8.42 -48.31
CA TRP B 96 8.91 8.83 -48.22
C TRP B 96 9.08 10.28 -48.68
N ASP B 97 9.75 11.08 -47.85
CA ASP B 97 10.06 12.47 -48.13
C ASP B 97 11.56 12.62 -48.32
N ARG B 98 11.97 13.25 -49.42
CA ARG B 98 13.38 13.47 -49.75
C ARG B 98 14.00 14.52 -48.82
N ASP B 99 13.16 15.42 -48.27
CA ASP B 99 13.56 16.50 -47.36
C ASP B 99 13.56 16.06 -45.88
N MET B 100 13.19 14.79 -45.60
CA MET B 100 13.14 14.24 -44.23
C MET B 100 13.81 12.87 -44.13
N GLY C 2 -33.06 -11.80 20.35
CA GLY C 2 -31.79 -11.45 19.74
C GLY C 2 -31.43 -9.98 19.81
N SER C 3 -30.15 -9.60 19.57
CA SER C 3 -29.04 -10.50 19.22
C SER C 3 -28.29 -10.99 20.47
N HIS C 4 -27.87 -12.27 20.45
CA HIS C 4 -27.13 -12.92 21.54
C HIS C 4 -25.75 -13.33 21.06
N SER C 5 -24.71 -13.11 21.89
CA SER C 5 -23.34 -13.44 21.49
C SER C 5 -22.51 -14.06 22.62
N MET C 6 -21.67 -15.05 22.25
CA MET C 6 -20.74 -15.75 23.14
C MET C 6 -19.34 -15.14 22.97
N ARG C 7 -18.61 -14.95 24.08
CA ARG C 7 -17.27 -14.37 24.04
C ARG C 7 -16.33 -15.07 25.03
N TYR C 8 -15.17 -15.52 24.54
CA TYR C 8 -14.14 -16.17 25.35
C TYR C 8 -12.91 -15.27 25.40
N PHE C 9 -12.49 -14.87 26.61
CA PHE C 9 -11.35 -13.98 26.81
C PHE C 9 -10.17 -14.73 27.44
N GLU C 10 -9.19 -15.10 26.60
CA GLU C 10 -7.98 -15.82 26.99
C GLU C 10 -6.81 -14.85 27.08
N THR C 11 -6.23 -14.71 28.29
CA THR C 11 -5.10 -13.79 28.54
C THR C 11 -3.91 -14.54 29.13
N SER C 12 -2.70 -14.21 28.65
CA SER C 12 -1.44 -14.79 29.12
C SER C 12 -0.46 -13.66 29.49
N VAL C 13 -0.13 -13.55 30.79
CA VAL C 13 0.75 -12.51 31.33
C VAL C 13 2.08 -13.14 31.75
N SER C 14 3.18 -12.80 31.05
CA SER C 14 4.52 -13.32 31.35
C SER C 14 5.09 -12.67 32.61
N ARG C 15 5.50 -13.50 33.58
CA ARG C 15 6.07 -13.05 34.84
C ARG C 15 7.59 -13.32 34.85
N PRO C 16 8.44 -12.27 34.69
CA PRO C 16 9.89 -12.51 34.67
C PRO C 16 10.48 -12.66 36.08
N GLY C 17 11.12 -13.81 36.31
CA GLY C 17 11.76 -14.13 37.58
C GLY C 17 10.86 -14.81 38.61
N LEU C 18 9.59 -14.38 38.68
CA LEU C 18 8.61 -14.90 39.64
C LEU C 18 7.67 -15.96 39.01
N GLY C 19 7.82 -16.23 37.71
CA GLY C 19 6.97 -17.18 36.99
C GLY C 19 7.63 -18.03 35.90
N GLU C 20 6.91 -19.00 35.26
CA GLU C 20 5.50 -19.45 35.37
C GLU C 20 4.48 -18.32 35.04
N PRO C 21 4.21 -18.04 33.74
CA PRO C 21 3.27 -16.95 33.39
C PRO C 21 1.82 -17.24 33.78
N ARG C 22 1.08 -16.18 34.19
CA ARG C 22 -0.32 -16.29 34.59
C ARG C 22 -1.22 -16.35 33.36
N PHE C 23 -2.12 -17.35 33.33
CA PHE C 23 -3.06 -17.56 32.23
C PHE C 23 -4.49 -17.56 32.78
N ILE C 24 -5.35 -16.68 32.20
CA ILE C 24 -6.74 -16.53 32.65
C ILE C 24 -7.71 -16.62 31.46
N ILE C 25 -8.74 -17.49 31.57
CA ILE C 25 -9.81 -17.66 30.59
C ILE C 25 -11.11 -17.18 31.24
N VAL C 26 -11.76 -16.18 30.63
CA VAL C 26 -13.00 -15.60 31.11
C VAL C 26 -14.05 -15.70 29.99
N GLY C 27 -15.13 -16.43 30.26
CA GLY C 27 -16.21 -16.64 29.31
C GLY C 27 -17.44 -15.81 29.60
N TYR C 28 -18.12 -15.34 28.55
CA TYR C 28 -19.33 -14.52 28.65
C TYR C 28 -20.39 -14.90 27.63
N VAL C 29 -21.66 -14.91 28.08
CA VAL C 29 -22.86 -15.11 27.27
C VAL C 29 -23.69 -13.84 27.48
N ASP C 30 -23.76 -12.98 26.45
CA ASP C 30 -24.41 -11.67 26.44
C ASP C 30 -23.62 -10.71 27.35
N ASP C 31 -23.97 -10.64 28.66
CA ASP C 31 -23.32 -9.80 29.67
C ASP C 31 -23.08 -10.58 30.98
N THR C 32 -23.43 -11.88 31.00
CA THR C 32 -23.31 -12.75 32.17
C THR C 32 -22.11 -13.70 32.02
N GLN C 33 -21.24 -13.74 33.04
CA GLN C 33 -20.05 -14.60 33.10
C GLN C 33 -20.51 -16.03 33.40
N PHE C 34 -20.00 -17.04 32.66
CA PHE C 34 -20.41 -18.43 32.83
C PHE C 34 -19.24 -19.39 33.14
N VAL C 35 -18.04 -19.16 32.57
CA VAL C 35 -16.87 -20.01 32.80
C VAL C 35 -15.66 -19.18 33.26
N ARG C 36 -14.73 -19.82 34.00
CA ARG C 36 -13.52 -19.21 34.56
C ARG C 36 -12.37 -20.21 34.66
N PHE C 37 -11.14 -19.76 34.34
CA PHE C 37 -9.91 -20.55 34.46
C PHE C 37 -8.77 -19.66 34.93
N ASP C 38 -7.97 -20.15 35.90
CA ASP C 38 -6.84 -19.41 36.46
C ASP C 38 -5.71 -20.37 36.83
N SER C 39 -4.49 -20.08 36.33
CA SER C 39 -3.30 -20.88 36.58
C SER C 39 -2.75 -20.68 38.01
N ASP C 40 -3.04 -19.51 38.61
CA ASP C 40 -2.59 -19.13 39.96
C ASP C 40 -3.44 -19.79 41.06
N ALA C 41 -4.61 -20.37 40.69
CA ALA C 41 -5.52 -21.06 41.61
C ALA C 41 -4.89 -22.35 42.18
N GLU C 42 -5.34 -22.76 43.39
CA GLU C 42 -4.87 -23.95 44.11
C GLU C 42 -5.02 -25.23 43.28
N THR C 43 -6.12 -25.34 42.52
CA THR C 43 -6.42 -26.46 41.63
C THR C 43 -6.87 -25.88 40.28
N PRO C 44 -5.96 -25.81 39.29
CA PRO C 44 -6.30 -25.19 38.00
C PRO C 44 -7.32 -26.04 37.23
N ARG C 45 -8.57 -25.57 37.20
CA ARG C 45 -9.71 -26.23 36.56
C ARG C 45 -10.74 -25.20 36.10
N MET C 46 -11.52 -25.54 35.05
CA MET C 46 -12.57 -24.67 34.52
C MET C 46 -13.72 -24.61 35.54
N GLU C 47 -13.93 -23.43 36.12
CA GLU C 47 -14.92 -23.18 37.18
C GLU C 47 -16.19 -22.48 36.66
N PRO C 48 -17.39 -22.86 37.14
CA PRO C 48 -18.61 -22.17 36.70
C PRO C 48 -18.85 -20.89 37.50
N ARG C 49 -19.17 -19.78 36.80
CA ARG C 49 -19.46 -18.51 37.45
C ARG C 49 -20.97 -18.27 37.48
N ALA C 50 -21.71 -18.94 36.58
CA ALA C 50 -23.16 -18.88 36.47
C ALA C 50 -23.77 -20.09 37.20
N PRO C 51 -24.86 -19.89 37.98
CA PRO C 51 -25.45 -21.03 38.72
C PRO C 51 -26.07 -22.10 37.81
N TRP C 52 -26.60 -21.70 36.63
CA TRP C 52 -27.22 -22.60 35.66
C TRP C 52 -26.19 -23.47 34.92
N MET C 53 -24.89 -23.10 34.98
CA MET C 53 -23.79 -23.83 34.34
C MET C 53 -23.44 -25.13 35.08
N GLU C 54 -23.89 -25.27 36.35
CA GLU C 54 -23.65 -26.44 37.19
C GLU C 54 -24.39 -27.69 36.67
N GLN C 55 -25.41 -27.48 35.80
CA GLN C 55 -26.22 -28.54 35.18
C GLN C 55 -25.39 -29.40 34.23
N GLY C 57 -22.47 -31.78 32.87
CA GLY C 57 -21.84 -32.98 33.39
C GLY C 57 -20.36 -32.84 33.70
N PRO C 58 -19.74 -33.86 34.37
CA PRO C 58 -18.30 -33.75 34.69
C PRO C 58 -17.39 -33.97 33.48
N GLU C 59 -17.91 -34.60 32.41
CA GLU C 59 -17.19 -34.87 31.16
C GLU C 59 -16.90 -33.57 30.41
N TYR C 60 -17.83 -32.59 30.51
CA TYR C 60 -17.71 -31.26 29.88
C TYR C 60 -16.60 -30.45 30.55
N TRP C 61 -16.60 -30.39 31.91
CA TRP C 61 -15.62 -29.63 32.69
C TRP C 61 -14.20 -30.17 32.53
N GLU C 62 -14.05 -31.51 32.42
CA GLU C 62 -12.76 -32.16 32.23
C GLU C 62 -12.22 -31.87 30.82
N ARG C 63 -13.13 -31.78 29.83
CA ARG C 63 -12.84 -31.48 28.42
C ARG C 63 -12.39 -30.02 28.26
N GLU C 64 -13.05 -29.08 28.95
CA GLU C 64 -12.73 -27.65 28.91
C GLU C 64 -11.44 -27.34 29.67
N THR C 65 -11.10 -28.14 30.71
CA THR C 65 -9.87 -28.00 31.50
C THR C 65 -8.69 -28.47 30.63
N GLN C 66 -8.88 -29.57 29.88
CA GLN C 66 -7.89 -30.13 28.96
C GLN C 66 -7.56 -29.13 27.84
N ARG C 67 -8.58 -28.37 27.39
CA ARG C 67 -8.47 -27.34 26.37
C ARG C 67 -7.73 -26.12 26.93
N ALA C 68 -8.07 -25.70 28.17
CA ALA C 68 -7.46 -24.56 28.88
C ALA C 68 -5.99 -24.82 29.21
N LYS C 69 -5.67 -26.04 29.71
CA LYS C 69 -4.29 -26.45 30.04
C LYS C 69 -3.44 -26.57 28.77
N GLY C 70 -4.07 -27.00 27.68
CA GLY C 70 -3.45 -27.12 26.36
C GLY C 70 -3.15 -25.77 25.75
N ASN C 71 -4.02 -24.79 26.02
CA ASN C 71 -3.88 -23.40 25.55
C ASN C 71 -2.84 -22.66 26.39
N GLU C 72 -2.72 -23.02 27.69
CA GLU C 72 -1.76 -22.43 28.64
C GLU C 72 -0.33 -22.64 28.14
N GLN C 73 0.02 -23.87 27.72
CA GLN C 73 1.34 -24.21 27.20
C GLN C 73 1.51 -23.66 25.77
N SER C 74 0.40 -23.49 25.02
CA SER C 74 0.41 -22.94 23.66
C SER C 74 0.76 -21.45 23.68
N PHE C 75 0.18 -20.69 24.64
CA PHE C 75 0.43 -19.26 24.81
C PHE C 75 1.81 -19.03 25.45
N HIS C 76 2.31 -20.01 26.23
CA HIS C 76 3.62 -19.96 26.87
C HIS C 76 4.72 -20.00 25.80
N VAL C 77 4.54 -20.88 24.79
CA VAL C 77 5.46 -21.04 23.64
C VAL C 77 5.31 -19.80 22.75
N SER C 78 4.07 -19.29 22.58
CA SER C 78 3.75 -18.10 21.80
C SER C 78 4.37 -16.84 22.40
N LEU C 79 4.55 -16.79 23.73
CA LEU C 79 5.15 -15.66 24.44
C LEU C 79 6.62 -15.49 24.06
N ARG C 80 7.40 -16.59 24.06
CA ARG C 80 8.82 -16.54 23.69
C ARG C 80 8.99 -16.42 22.17
N THR C 81 8.04 -16.97 21.37
CA THR C 81 8.06 -16.86 19.90
C THR C 81 7.91 -15.37 19.51
N LEU C 82 6.94 -14.68 20.15
CA LEU C 82 6.67 -13.25 19.95
C LEU C 82 7.80 -12.39 20.52
N LEU C 83 8.52 -12.89 21.52
CA LEU C 83 9.68 -12.21 22.14
C LEU C 83 10.83 -12.17 21.14
N GLY C 84 10.97 -13.24 20.35
CA GLY C 84 11.99 -13.38 19.31
C GLY C 84 11.65 -12.59 18.05
N TYR C 85 10.34 -12.45 17.77
CA TYR C 85 9.80 -11.72 16.61
C TYR C 85 10.08 -10.22 16.74
N TYR C 86 9.96 -9.68 17.96
CA TYR C 86 10.18 -8.26 18.28
C TYR C 86 11.60 -8.02 18.83
N ASN C 87 12.37 -9.12 19.04
CA ASN C 87 13.75 -9.16 19.54
C ASN C 87 13.88 -8.32 20.85
N GLN C 88 12.98 -8.61 21.80
CA GLN C 88 12.90 -7.97 23.12
C GLN C 88 13.64 -8.80 24.18
N SER C 89 14.00 -8.15 25.31
CA SER C 89 14.70 -8.79 26.43
C SER C 89 13.77 -9.71 27.22
N GLU C 90 14.34 -10.80 27.79
CA GLU C 90 13.61 -11.78 28.60
C GLU C 90 13.23 -11.23 29.98
N SER C 91 13.97 -10.21 30.46
CA SER C 91 13.79 -9.53 31.75
C SER C 91 12.48 -8.73 31.83
N GLY C 92 11.90 -8.37 30.69
CA GLY C 92 10.66 -7.60 30.61
C GLY C 92 9.40 -8.44 30.61
N SER C 93 8.28 -7.84 31.07
CA SER C 93 6.97 -8.49 31.13
C SER C 93 6.11 -8.09 29.93
N HIS C 94 5.50 -9.09 29.26
CA HIS C 94 4.65 -8.90 28.08
C HIS C 94 3.34 -9.68 28.22
N THR C 95 2.29 -9.22 27.51
CA THR C 95 0.96 -9.85 27.57
C THR C 95 0.40 -10.20 26.19
N ILE C 96 -0.30 -11.35 26.12
CA ILE C 96 -0.99 -11.81 24.91
C ILE C 96 -2.47 -11.96 25.24
N GLN C 97 -3.32 -11.24 24.50
CA GLN C 97 -4.78 -11.26 24.67
C GLN C 97 -5.44 -11.88 23.46
N TRP C 98 -6.43 -12.76 23.69
CA TRP C 98 -7.16 -13.43 22.62
C TRP C 98 -8.64 -13.48 22.95
N MET C 99 -9.46 -12.85 22.11
CA MET C 99 -10.91 -12.86 22.28
C MET C 99 -11.57 -13.43 21.02
N TYR C 100 -12.54 -14.32 21.20
CA TYR C 100 -13.24 -14.98 20.11
C TYR C 100 -14.67 -15.35 20.50
N GLY C 101 -15.50 -15.52 19.47
CA GLY C 101 -16.90 -15.88 19.63
C GLY C 101 -17.76 -15.53 18.44
N CYS C 102 -19.03 -15.98 18.46
CA CYS C 102 -19.97 -15.76 17.37
C CYS C 102 -21.19 -14.98 17.83
N LYS C 103 -21.74 -14.15 16.91
CA LYS C 103 -22.95 -13.36 17.14
C LYS C 103 -24.13 -14.11 16.50
N VAL C 104 -25.17 -14.35 17.30
CA VAL C 104 -26.36 -15.08 16.87
C VAL C 104 -27.60 -14.17 16.95
N GLY C 105 -28.40 -14.18 15.89
CA GLY C 105 -29.63 -13.40 15.78
C GLY C 105 -30.78 -13.90 16.63
N SER C 106 -31.99 -13.41 16.34
CA SER C 106 -33.20 -13.79 17.07
C SER C 106 -33.88 -15.02 16.44
N ASP C 107 -33.37 -15.44 15.25
CA ASP C 107 -33.87 -16.59 14.48
C ASP C 107 -33.66 -17.95 15.21
N GLY C 108 -32.48 -18.27 15.78
CA GLY C 108 -31.26 -17.48 15.84
C GLY C 108 -30.16 -17.97 14.93
N ARG C 109 -29.95 -17.22 13.83
CA ARG C 109 -28.99 -17.41 12.74
C ARG C 109 -27.59 -16.90 13.12
N PHE C 110 -26.61 -16.97 12.18
CA PHE C 110 -25.25 -16.50 12.37
C PHE C 110 -25.10 -15.08 11.80
N LEU C 111 -24.66 -14.11 12.64
CA LEU C 111 -24.48 -12.71 12.26
C LEU C 111 -23.01 -12.43 11.88
N ARG C 112 -22.10 -12.57 12.85
CA ARG C 112 -20.66 -12.35 12.63
C ARG C 112 -19.82 -13.24 13.55
N GLY C 113 -18.60 -13.52 13.10
CA GLY C 113 -17.62 -14.32 13.84
C GLY C 113 -16.34 -13.53 14.01
N TYR C 114 -15.93 -13.32 15.27
CA TYR C 114 -14.71 -12.57 15.58
C TYR C 114 -13.67 -13.49 16.22
N LEU C 115 -12.40 -13.27 15.85
CA LEU C 115 -11.22 -13.98 16.33
C LEU C 115 -10.03 -13.05 16.15
N GLN C 116 -9.70 -12.30 17.21
CA GLN C 116 -8.64 -11.30 17.21
C GLN C 116 -7.60 -11.55 18.30
N TYR C 117 -6.34 -11.17 18.03
CA TYR C 117 -5.21 -11.30 18.95
C TYR C 117 -4.58 -9.94 19.26
N ALA C 118 -3.90 -9.82 20.41
CA ALA C 118 -3.23 -8.59 20.85
C ALA C 118 -1.94 -8.87 21.62
N TYR C 119 -0.93 -8.00 21.42
CA TYR C 119 0.34 -8.09 22.11
C TYR C 119 0.65 -6.75 22.77
N ASP C 120 0.75 -6.75 24.12
CA ASP C 120 1.00 -5.59 24.98
C ASP C 120 -0.11 -4.51 24.80
N GLY C 121 -1.36 -4.97 24.81
CA GLY C 121 -2.54 -4.12 24.70
C GLY C 121 -2.85 -3.52 23.34
N ARG C 122 -2.02 -3.81 22.32
CA ARG C 122 -2.24 -3.30 20.96
C ARG C 122 -2.43 -4.46 19.98
N ASP C 123 -3.14 -4.19 18.87
CA ASP C 123 -3.47 -5.12 17.79
C ASP C 123 -2.25 -5.88 17.26
N TYR C 124 -2.43 -7.19 16.97
CA TYR C 124 -1.38 -8.04 16.41
C TYR C 124 -1.88 -8.68 15.11
N ILE C 125 -2.84 -9.62 15.22
CA ILE C 125 -3.44 -10.32 14.06
C ILE C 125 -4.93 -10.53 14.32
N ALA C 126 -5.75 -10.33 13.28
CA ALA C 126 -7.21 -10.47 13.37
C ALA C 126 -7.79 -11.16 12.15
N LEU C 127 -8.77 -12.04 12.37
CA LEU C 127 -9.47 -12.74 11.30
C LEU C 127 -10.55 -11.83 10.74
N ASN C 128 -10.53 -11.60 9.42
CA ASN C 128 -11.45 -10.71 8.69
C ASN C 128 -12.90 -11.20 8.76
N GLU C 129 -13.85 -10.30 8.40
CA GLU C 129 -15.31 -10.50 8.33
C GLU C 129 -15.69 -11.72 7.48
N ASP C 130 -14.90 -11.99 6.41
CA ASP C 130 -15.09 -13.11 5.48
C ASP C 130 -14.73 -14.47 6.14
N LEU C 131 -13.95 -14.43 7.24
CA LEU C 131 -13.49 -15.59 8.05
C LEU C 131 -12.61 -16.55 7.22
N LYS C 132 -11.82 -15.99 6.28
CA LYS C 132 -10.92 -16.75 5.42
C LYS C 132 -9.54 -16.09 5.32
N THR C 133 -9.46 -14.76 5.54
CA THR C 133 -8.22 -13.99 5.47
C THR C 133 -7.87 -13.36 6.83
N TRP C 134 -6.57 -13.07 7.03
CA TRP C 134 -6.03 -12.43 8.24
C TRP C 134 -5.54 -11.01 7.93
N THR C 135 -5.52 -10.14 8.96
CA THR C 135 -5.03 -8.76 8.84
C THR C 135 -3.91 -8.57 9.87
N ALA C 136 -2.67 -8.46 9.38
CA ALA C 136 -1.48 -8.29 10.20
C ALA C 136 -1.22 -6.80 10.48
N ALA C 137 -0.96 -6.46 11.76
CA ALA C 137 -0.72 -5.09 12.20
C ALA C 137 0.68 -4.61 11.80
N ASP C 138 1.73 -5.43 12.04
CA ASP C 138 3.12 -5.09 11.73
C ASP C 138 3.83 -6.23 10.97
N VAL C 139 5.15 -6.04 10.69
CA VAL C 139 6.00 -7.00 9.95
C VAL C 139 6.19 -8.32 10.74
N ALA C 140 6.20 -8.25 12.09
CA ALA C 140 6.35 -9.43 12.96
C ALA C 140 5.09 -10.30 12.91
N ALA C 141 3.92 -9.67 12.69
CA ALA C 141 2.62 -10.33 12.59
C ALA C 141 2.42 -11.04 11.23
N ILE C 142 3.16 -10.58 10.19
CA ILE C 142 3.11 -11.15 8.83
C ILE C 142 3.75 -12.57 8.87
N ILE C 143 4.77 -12.77 9.74
CA ILE C 143 5.45 -14.06 9.94
C ILE C 143 4.44 -15.09 10.48
N THR C 144 3.55 -14.66 11.40
CA THR C 144 2.49 -15.48 11.99
C THR C 144 1.41 -15.77 10.94
N ARG C 145 1.08 -14.75 10.10
CA ARG C 145 0.08 -14.82 9.02
C ARG C 145 0.48 -15.85 7.97
N ARG C 146 1.76 -15.83 7.53
CA ARG C 146 2.31 -16.75 6.52
C ARG C 146 2.41 -18.18 7.06
N LYS C 147 2.70 -18.32 8.37
CA LYS C 147 2.79 -19.61 9.07
C LYS C 147 1.41 -20.25 9.18
N TRP C 148 0.37 -19.42 9.41
CA TRP C 148 -1.02 -19.86 9.54
C TRP C 148 -1.69 -20.11 8.18
N GLU C 149 -1.16 -19.48 7.11
CA GLU C 149 -1.69 -19.62 5.75
C GLU C 149 -1.44 -21.04 5.23
N GLN C 150 -0.22 -21.58 5.43
CA GLN C 150 0.14 -22.95 5.04
C GLN C 150 -0.49 -23.98 5.96
N ALA C 151 -0.57 -23.69 7.27
CA ALA C 151 -1.16 -24.56 8.28
C ALA C 151 -2.69 -24.66 8.16
N GLY C 152 -3.31 -23.62 7.62
CA GLY C 152 -4.75 -23.54 7.44
C GLY C 152 -5.51 -23.28 8.72
N ALA C 153 -5.07 -22.27 9.50
CA ALA C 153 -5.68 -21.87 10.76
C ALA C 153 -7.01 -21.13 10.54
N ALA C 154 -7.07 -20.29 9.48
CA ALA C 154 -8.25 -19.51 9.10
C ALA C 154 -9.46 -20.40 8.82
N GLU C 155 -9.23 -21.54 8.11
CA GLU C 155 -10.27 -22.51 7.76
C GLU C 155 -10.69 -23.33 9.00
N TYR C 156 -9.73 -23.58 9.92
CA TYR C 156 -9.94 -24.32 11.17
C TYR C 156 -10.84 -23.54 12.12
N TYR C 157 -10.55 -22.24 12.32
CA TYR C 157 -11.32 -21.38 13.20
C TYR C 157 -12.70 -21.07 12.61
N ARG C 158 -12.82 -21.03 11.27
CA ARG C 158 -14.08 -20.80 10.54
C ARG C 158 -15.06 -21.94 10.82
N ALA C 159 -14.55 -23.20 10.89
CA ALA C 159 -15.32 -24.41 11.17
C ALA C 159 -15.94 -24.38 12.58
N TYR C 160 -15.31 -23.66 13.52
CA TYR C 160 -15.78 -23.52 14.89
C TYR C 160 -16.80 -22.37 15.00
N LEU C 161 -16.38 -21.14 14.61
CA LEU C 161 -17.15 -19.90 14.70
C LEU C 161 -18.49 -19.96 13.96
N GLU C 162 -18.55 -20.62 12.78
CA GLU C 162 -19.77 -20.72 12.00
C GLU C 162 -20.65 -21.93 12.39
N ALA C 163 -20.08 -22.95 13.07
CA ALA C 163 -20.86 -24.15 13.42
C ALA C 163 -20.82 -24.51 14.92
N GLU C 164 -19.64 -24.92 15.45
CA GLU C 164 -19.46 -25.36 16.83
C GLU C 164 -19.79 -24.28 17.88
N CYS C 165 -19.50 -23.00 17.58
CA CYS C 165 -19.76 -21.86 18.46
C CYS C 165 -21.27 -21.63 18.60
N VAL C 166 -21.98 -21.56 17.45
CA VAL C 166 -23.43 -21.33 17.34
C VAL C 166 -24.19 -22.45 18.06
N GLU C 167 -23.79 -23.73 17.83
CA GLU C 167 -24.39 -24.93 18.42
C GLU C 167 -24.36 -24.88 19.96
N TRP C 168 -23.22 -24.47 20.55
CA TRP C 168 -23.05 -24.39 22.00
C TRP C 168 -23.71 -23.15 22.60
N LEU C 169 -23.68 -22.00 21.89
CA LEU C 169 -24.31 -20.76 22.38
C LEU C 169 -25.82 -20.95 22.53
N LEU C 170 -26.47 -21.63 21.56
CA LEU C 170 -27.90 -21.95 21.59
C LEU C 170 -28.22 -22.92 22.74
N ARG C 171 -27.24 -23.77 23.11
CA ARG C 171 -27.37 -24.73 24.21
C ARG C 171 -27.27 -24.02 25.56
N TYR C 172 -26.34 -23.04 25.70
CA TYR C 172 -26.15 -22.26 26.94
C TYR C 172 -27.35 -21.35 27.21
N LEU C 173 -27.96 -20.78 26.14
CA LEU C 173 -29.12 -19.88 26.23
C LEU C 173 -30.38 -20.63 26.70
N GLU C 174 -30.48 -21.94 26.37
CA GLU C 174 -31.59 -22.80 26.77
C GLU C 174 -31.42 -23.25 28.21
N LEU C 175 -30.17 -23.32 28.71
CA LEU C 175 -29.83 -23.73 30.08
C LEU C 175 -30.24 -22.64 31.10
N GLY C 176 -29.85 -21.40 30.83
CA GLY C 176 -30.17 -20.25 31.67
C GLY C 176 -31.17 -19.32 31.03
N LYS C 177 -32.35 -19.85 30.67
CA LYS C 177 -33.44 -19.13 30.03
C LYS C 177 -34.05 -18.06 30.94
N GLU C 178 -34.15 -18.34 32.25
CA GLU C 178 -34.72 -17.44 33.26
C GLU C 178 -33.70 -16.41 33.81
N THR C 179 -32.46 -16.43 33.30
CA THR C 179 -31.40 -15.51 33.75
C THR C 179 -30.84 -14.66 32.61
N LEU C 180 -30.56 -15.29 31.44
CA LEU C 180 -30.00 -14.60 30.27
C LEU C 180 -31.07 -13.82 29.50
N LEU C 181 -32.29 -14.38 29.42
CA LEU C 181 -33.41 -13.74 28.72
C LEU C 181 -34.40 -13.17 29.76
N ARG C 182 -33.95 -12.13 30.48
CA ARG C 182 -34.74 -11.47 31.52
C ARG C 182 -35.35 -10.15 31.03
N THR C 183 -34.50 -9.24 30.50
CA THR C 183 -34.82 -7.89 30.00
C THR C 183 -35.53 -7.10 31.13
N ASP C 184 -34.75 -6.71 32.15
CA ASP C 184 -35.24 -5.96 33.32
C ASP C 184 -35.18 -4.44 33.06
N PRO C 185 -36.29 -3.71 33.27
CA PRO C 185 -36.25 -2.25 33.02
C PRO C 185 -35.51 -1.48 34.12
N PRO C 186 -34.85 -0.35 33.80
CA PRO C 186 -34.10 0.38 34.84
C PRO C 186 -34.98 1.25 35.75
N LYS C 187 -34.55 1.41 37.01
CA LYS C 187 -35.19 2.25 38.02
C LYS C 187 -34.57 3.64 37.89
N THR C 188 -35.33 4.58 37.30
CA THR C 188 -34.83 5.93 37.01
C THR C 188 -35.41 7.01 37.93
N HIS C 189 -34.56 8.01 38.24
CA HIS C 189 -34.85 9.18 39.08
C HIS C 189 -33.81 10.28 38.83
N VAL C 190 -34.21 11.56 38.93
CA VAL C 190 -33.31 12.70 38.72
C VAL C 190 -32.99 13.35 40.08
N THR C 191 -31.69 13.54 40.36
CA THR C 191 -31.19 14.16 41.60
C THR C 191 -30.65 15.57 41.33
N HIS C 192 -30.71 16.45 42.35
CA HIS C 192 -30.27 17.85 42.30
C HIS C 192 -28.99 18.05 43.11
N HIS C 193 -28.01 18.80 42.54
CA HIS C 193 -26.73 19.08 43.20
C HIS C 193 -26.28 20.52 42.95
N PRO C 194 -26.13 21.35 44.02
CA PRO C 194 -25.68 22.74 43.81
C PRO C 194 -24.17 22.83 43.56
N GLY C 195 -23.78 23.79 42.74
CA GLY C 195 -22.38 24.05 42.39
C GLY C 195 -21.99 25.47 42.76
N SER C 196 -21.29 26.16 41.84
CA SER C 196 -20.85 27.54 41.99
C SER C 196 -22.03 28.53 41.89
N GLU C 197 -21.78 29.85 42.02
CA GLU C 197 -22.78 30.91 41.93
C GLU C 197 -23.51 30.85 40.58
N GLY C 198 -24.84 30.60 40.62
CA GLY C 198 -25.75 30.45 39.48
C GLY C 198 -25.37 29.22 38.60
N ASP C 199 -25.12 28.07 39.26
CA ASP C 199 -24.75 26.82 38.62
C ASP C 199 -25.36 25.64 39.38
N VAL C 200 -25.90 24.65 38.64
CA VAL C 200 -26.51 23.46 39.23
C VAL C 200 -26.25 22.24 38.31
N THR C 201 -26.02 21.07 38.93
CA THR C 201 -25.73 19.82 38.25
C THR C 201 -26.92 18.86 38.38
N LEU C 202 -27.53 18.50 37.23
CA LEU C 202 -28.66 17.57 37.16
C LEU C 202 -28.15 16.18 36.78
N ARG C 203 -28.35 15.20 37.68
CA ARG C 203 -27.90 13.82 37.43
C ARG C 203 -29.08 12.91 37.14
N CYS C 204 -29.09 12.31 35.94
CA CYS C 204 -30.13 11.38 35.49
C CYS C 204 -29.66 9.96 35.77
N TRP C 205 -30.18 9.36 36.85
CA TRP C 205 -29.80 8.02 37.30
C TRP C 205 -30.62 6.91 36.64
N ALA C 206 -29.97 5.75 36.43
CA ALA C 206 -30.54 4.52 35.88
C ALA C 206 -29.91 3.34 36.59
N LEU C 207 -30.66 2.73 37.54
CA LEU C 207 -30.16 1.63 38.38
C LEU C 207 -30.98 0.35 38.18
N GLY C 208 -30.31 -0.79 38.33
CA GLY C 208 -30.90 -2.12 38.24
C GLY C 208 -31.53 -2.46 36.90
N PHE C 209 -30.69 -2.83 35.91
CA PHE C 209 -31.17 -3.20 34.57
C PHE C 209 -30.26 -4.24 33.90
N TYR C 210 -30.85 -5.06 33.01
CA TYR C 210 -30.16 -6.09 32.23
C TYR C 210 -30.82 -6.19 30.84
N PRO C 211 -30.07 -6.19 29.71
CA PRO C 211 -28.60 -6.14 29.57
C PRO C 211 -28.01 -4.75 29.86
N ALA C 212 -26.66 -4.66 29.88
CA ALA C 212 -25.90 -3.44 30.15
C ALA C 212 -26.08 -2.36 29.07
N ASP C 213 -26.56 -2.76 27.87
CA ASP C 213 -26.78 -1.86 26.73
C ASP C 213 -27.93 -0.88 27.01
N ILE C 214 -27.57 0.39 27.22
CA ILE C 214 -28.47 1.51 27.51
C ILE C 214 -27.87 2.82 26.96
N THR C 215 -28.74 3.80 26.66
CA THR C 215 -28.33 5.11 26.14
C THR C 215 -29.07 6.21 26.92
N LEU C 216 -28.30 7.00 27.70
CA LEU C 216 -28.82 8.12 28.49
C LEU C 216 -28.43 9.43 27.82
N THR C 217 -29.43 10.26 27.45
CA THR C 217 -29.20 11.52 26.77
C THR C 217 -30.01 12.66 27.38
N TRP C 218 -29.34 13.79 27.63
CA TRP C 218 -29.98 15.01 28.15
C TRP C 218 -30.43 15.85 26.97
N GLN C 219 -31.66 16.38 27.04
CA GLN C 219 -32.27 17.14 25.96
C GLN C 219 -32.88 18.45 26.44
N LEU C 220 -32.77 19.51 25.62
CA LEU C 220 -33.35 20.83 25.91
C LEU C 220 -34.33 21.20 24.78
N ASN C 221 -35.64 21.20 25.09
CA ASN C 221 -36.79 21.48 24.21
C ASN C 221 -36.93 20.39 23.12
N GLY C 222 -35.89 20.20 22.30
CA GLY C 222 -35.85 19.22 21.22
C GLY C 222 -34.46 18.72 20.90
N GLU C 223 -33.47 19.64 20.89
CA GLU C 223 -32.06 19.32 20.61
C GLU C 223 -31.38 18.66 21.80
N GLU C 224 -30.63 17.57 21.54
CA GLU C 224 -29.93 16.80 22.58
C GLU C 224 -28.48 17.27 22.74
N LEU C 225 -28.14 17.79 23.93
CA LEU C 225 -26.80 18.27 24.26
C LEU C 225 -25.90 17.09 24.61
N THR C 226 -24.91 16.80 23.75
CA THR C 226 -23.97 15.69 23.90
C THR C 226 -22.56 16.18 24.27
N GLN C 227 -22.35 17.50 24.22
CA GLN C 227 -21.06 18.14 24.52
C GLN C 227 -20.91 18.40 26.03
N ASP C 228 -21.91 19.06 26.66
CA ASP C 228 -21.89 19.40 28.08
C ASP C 228 -22.20 18.19 28.98
N MET C 229 -22.70 17.08 28.39
CA MET C 229 -23.03 15.84 29.09
C MET C 229 -21.80 15.19 29.72
N GLU C 230 -21.91 14.79 30.99
CA GLU C 230 -20.85 14.12 31.74
C GLU C 230 -21.30 12.67 32.00
N LEU C 231 -21.42 11.90 30.92
CA LEU C 231 -21.85 10.50 30.93
C LEU C 231 -20.71 9.60 31.42
N VAL C 232 -21.05 8.63 32.28
CA VAL C 232 -20.10 7.65 32.83
C VAL C 232 -20.35 6.28 32.20
N GLU C 233 -19.34 5.39 32.26
CA GLU C 233 -19.41 4.03 31.73
C GLU C 233 -20.42 3.18 32.52
N THR C 234 -21.06 2.19 31.85
CA THR C 234 -22.02 1.29 32.47
C THR C 234 -21.26 0.40 33.47
N ARG C 235 -21.66 0.47 34.74
CA ARG C 235 -21.00 -0.25 35.82
C ARG C 235 -21.88 -1.39 36.38
N PRO C 236 -21.30 -2.58 36.71
CA PRO C 236 -22.13 -3.67 37.24
C PRO C 236 -22.37 -3.54 38.74
N ALA C 237 -23.63 -3.71 39.16
CA ALA C 237 -24.06 -3.61 40.56
C ALA C 237 -23.43 -4.70 41.46
N GLY C 238 -23.25 -5.89 40.90
CA GLY C 238 -22.67 -7.03 41.61
C GLY C 238 -23.64 -8.18 41.81
N ASP C 239 -24.94 -7.83 41.97
CA ASP C 239 -26.04 -8.78 42.16
C ASP C 239 -26.52 -9.40 40.84
N GLY C 240 -26.13 -8.79 39.71
CA GLY C 240 -26.49 -9.25 38.37
C GLY C 240 -27.10 -8.18 37.49
N THR C 241 -27.24 -6.96 38.03
CA THR C 241 -27.80 -5.81 37.31
C THR C 241 -26.71 -4.77 37.03
N PHE C 242 -27.06 -3.70 36.26
CA PHE C 242 -26.11 -2.66 35.88
C PHE C 242 -26.59 -1.26 36.30
N GLN C 243 -25.67 -0.27 36.27
CA GLN C 243 -25.91 1.13 36.62
C GLN C 243 -25.22 2.07 35.63
N LYS C 244 -25.83 3.25 35.37
CA LYS C 244 -25.31 4.29 34.47
C LYS C 244 -26.01 5.62 34.72
N TRP C 245 -25.26 6.75 34.67
CA TRP C 245 -25.85 8.07 34.88
C TRP C 245 -25.22 9.15 33.99
N ALA C 246 -26.03 10.16 33.63
CA ALA C 246 -25.67 11.31 32.81
C ALA C 246 -25.85 12.61 33.61
N SER C 247 -24.82 13.47 33.62
CA SER C 247 -24.80 14.74 34.36
C SER C 247 -24.62 15.94 33.41
N VAL C 248 -25.30 17.07 33.72
CA VAL C 248 -25.23 18.31 32.95
C VAL C 248 -25.20 19.53 33.87
N VAL C 249 -24.38 20.54 33.51
CA VAL C 249 -24.28 21.80 34.25
C VAL C 249 -25.28 22.74 33.59
N VAL C 250 -26.39 23.01 34.28
CA VAL C 250 -27.47 23.85 33.77
C VAL C 250 -27.58 25.17 34.57
N PRO C 251 -28.09 26.28 33.98
CA PRO C 251 -28.20 27.53 34.76
C PRO C 251 -29.24 27.38 35.86
N LEU C 252 -28.85 27.79 37.08
CA LEU C 252 -29.68 27.71 38.29
C LEU C 252 -30.87 28.68 38.17
N GLY C 253 -32.00 28.12 37.76
CA GLY C 253 -33.26 28.83 37.53
C GLY C 253 -34.04 28.30 36.35
N LYS C 254 -33.40 27.42 35.54
CA LYS C 254 -34.02 26.80 34.36
C LYS C 254 -33.77 25.28 34.35
N GLU C 255 -34.11 24.59 35.46
CA GLU C 255 -33.93 23.15 35.62
C GLU C 255 -35.04 22.35 34.91
N GLN C 256 -36.28 22.88 34.88
CA GLN C 256 -37.45 22.23 34.26
C GLN C 256 -37.34 22.22 32.72
N ASN C 257 -36.53 23.13 32.14
CA ASN C 257 -36.30 23.25 30.69
C ASN C 257 -35.53 22.06 30.12
N TYR C 258 -34.69 21.40 30.94
CA TYR C 258 -33.88 20.25 30.53
C TYR C 258 -34.57 18.94 30.90
N THR C 259 -34.71 18.05 29.90
CA THR C 259 -35.37 16.74 30.02
C THR C 259 -34.37 15.60 29.75
N CYS C 260 -34.50 14.49 30.48
CA CYS C 260 -33.64 13.32 30.30
C CYS C 260 -34.37 12.21 29.53
N HIS C 261 -33.64 11.50 28.66
CA HIS C 261 -34.17 10.41 27.84
C HIS C 261 -33.42 9.10 28.14
N VAL C 262 -34.18 8.03 28.42
CA VAL C 262 -33.64 6.70 28.72
C VAL C 262 -34.04 5.74 27.59
N TYR C 263 -33.04 5.07 26.99
CA TYR C 263 -33.24 4.12 25.89
C TYR C 263 -32.75 2.72 26.29
N HIS C 264 -33.69 1.83 26.64
CA HIS C 264 -33.42 0.45 27.04
C HIS C 264 -34.41 -0.52 26.41
N GLU C 265 -33.94 -1.76 26.10
CA GLU C 265 -34.73 -2.83 25.50
C GLU C 265 -35.86 -3.32 26.40
N GLY C 266 -35.64 -3.24 27.72
CA GLY C 266 -36.61 -3.65 28.74
C GLY C 266 -37.82 -2.73 28.86
N LEU C 267 -37.68 -1.47 28.42
CA LEU C 267 -38.74 -0.46 28.44
C LEU C 267 -39.59 -0.51 27.15
N PRO C 268 -40.93 -0.43 27.23
CA PRO C 268 -41.75 -0.47 26.01
C PRO C 268 -41.66 0.81 25.17
N GLU C 269 -41.41 1.96 25.83
CA GLU C 269 -41.29 3.27 25.20
C GLU C 269 -40.18 4.10 25.89
N PRO C 270 -39.43 4.97 25.16
CA PRO C 270 -38.37 5.76 25.84
C PRO C 270 -38.96 6.72 26.88
N LEU C 271 -38.37 6.71 28.09
CA LEU C 271 -38.81 7.52 29.23
C LEU C 271 -38.34 8.96 29.16
N THR C 272 -39.18 9.88 29.67
CA THR C 272 -38.92 11.33 29.75
C THR C 272 -38.89 11.72 31.22
N LEU C 273 -37.75 12.25 31.69
CA LEU C 273 -37.56 12.62 33.08
C LEU C 273 -37.15 14.08 33.26
N ARG C 274 -37.61 14.68 34.38
CA ARG C 274 -37.35 16.06 34.78
C ARG C 274 -37.10 16.13 36.29
N TRP C 275 -36.39 17.17 36.76
CA TRP C 275 -36.15 17.32 38.20
C TRP C 275 -37.38 17.95 38.86
N GLU C 276 -37.89 17.29 39.91
CA GLU C 276 -39.04 17.74 40.69
C GLU C 276 -38.66 17.85 42.18
N PRO C 277 -39.03 18.95 42.88
CA PRO C 277 -38.65 19.07 44.30
C PRO C 277 -39.44 18.12 45.20
N PRO C 278 -38.78 17.34 46.10
CA PRO C 278 -39.53 16.40 46.96
C PRO C 278 -40.18 17.10 48.14
N ILE D 2 3.63 0.17 25.82
CA ILE D 2 2.33 0.83 25.86
C ILE D 2 1.73 0.75 27.26
N GLN D 3 1.19 1.88 27.77
CA GLN D 3 0.58 1.98 29.09
C GLN D 3 -0.70 2.81 29.07
N LYS D 4 -1.72 2.37 29.82
CA LYS D 4 -3.02 3.04 29.93
C LYS D 4 -3.37 3.31 31.39
N THR D 5 -3.70 4.57 31.72
CA THR D 5 -4.05 4.98 33.08
C THR D 5 -5.48 4.52 33.42
N PRO D 6 -5.69 3.86 34.59
CA PRO D 6 -7.03 3.38 34.93
C PRO D 6 -8.01 4.48 35.36
N GLN D 7 -9.32 4.21 35.19
CA GLN D 7 -10.42 5.09 35.58
C GLN D 7 -11.24 4.37 36.66
N ILE D 8 -11.15 4.86 37.90
CA ILE D 8 -11.80 4.27 39.08
C ILE D 8 -13.20 4.86 39.31
N GLN D 9 -14.18 3.98 39.58
CA GLN D 9 -15.57 4.33 39.87
C GLN D 9 -15.99 3.68 41.20
N VAL D 10 -16.18 4.51 42.25
CA VAL D 10 -16.58 4.04 43.58
C VAL D 10 -18.07 4.38 43.77
N TYR D 11 -18.90 3.34 43.98
CA TYR D 11 -20.35 3.44 44.11
C TYR D 11 -20.93 2.29 44.94
N SER D 12 -22.20 2.44 45.36
CA SER D 12 -22.93 1.42 46.14
C SER D 12 -23.87 0.62 45.23
N ARG D 13 -24.12 -0.66 45.59
CA ARG D 13 -25.00 -1.59 44.86
C ARG D 13 -26.45 -1.09 44.85
N HIS D 14 -26.93 -0.60 46.01
CA HIS D 14 -28.27 -0.05 46.22
C HIS D 14 -28.16 1.43 46.66
N PRO D 15 -29.21 2.29 46.51
CA PRO D 15 -29.07 3.70 46.94
C PRO D 15 -28.61 3.84 48.40
N PRO D 16 -27.64 4.75 48.70
CA PRO D 16 -27.12 4.84 50.08
C PRO D 16 -28.16 5.32 51.10
N GLU D 17 -28.20 4.61 52.24
CA GLU D 17 -29.09 4.87 53.38
C GLU D 17 -28.33 4.57 54.68
N ASN D 18 -28.23 5.58 55.57
CA ASN D 18 -27.52 5.50 56.85
C ASN D 18 -28.05 4.38 57.75
N GLY D 19 -27.15 3.52 58.21
CA GLY D 19 -27.46 2.39 59.08
C GLY D 19 -27.77 1.09 58.37
N LYS D 20 -28.39 1.18 57.17
CA LYS D 20 -28.78 0.02 56.36
C LYS D 20 -27.54 -0.67 55.75
N PRO D 21 -27.49 -2.04 55.75
CA PRO D 21 -26.31 -2.71 55.17
C PRO D 21 -26.34 -2.68 53.64
N ASN D 22 -25.23 -2.24 53.03
CA ASN D 22 -25.07 -2.11 51.58
C ASN D 22 -23.73 -2.71 51.12
N ILE D 23 -23.48 -2.75 49.80
CA ILE D 23 -22.25 -3.29 49.21
C ILE D 23 -21.56 -2.19 48.38
N LEU D 24 -20.28 -1.87 48.71
CA LEU D 24 -19.49 -0.86 48.02
C LEU D 24 -18.73 -1.52 46.88
N ASN D 25 -18.80 -0.95 45.67
CA ASN D 25 -18.15 -1.48 44.48
C ASN D 25 -17.04 -0.54 43.99
N CYS D 26 -15.87 -1.11 43.68
CA CYS D 26 -14.72 -0.40 43.14
C CYS D 26 -14.48 -0.91 41.72
N TYR D 27 -14.93 -0.15 40.72
CA TYR D 27 -14.84 -0.52 39.31
C TYR D 27 -13.62 0.15 38.64
N VAL D 28 -12.53 -0.62 38.49
CA VAL D 28 -11.29 -0.18 37.86
C VAL D 28 -11.39 -0.50 36.38
N THR D 29 -11.45 0.54 35.53
CA THR D 29 -11.66 0.42 34.08
C THR D 29 -10.53 1.00 33.24
N GLN D 30 -10.43 0.52 31.97
CA GLN D 30 -9.50 0.94 30.90
C GLN D 30 -8.04 1.09 31.37
N PHE D 31 -7.38 -0.05 31.67
CA PHE D 31 -5.99 -0.01 32.11
C PHE D 31 -5.13 -1.09 31.43
N HIS D 32 -3.82 -0.79 31.31
CA HIS D 32 -2.78 -1.66 30.77
C HIS D 32 -1.41 -1.19 31.30
N PRO D 33 -0.50 -2.06 31.81
CA PRO D 33 -0.56 -3.53 31.93
C PRO D 33 -1.64 -4.05 32.90
N PRO D 34 -2.04 -5.34 32.81
CA PRO D 34 -3.10 -5.86 33.72
C PRO D 34 -2.68 -5.95 35.19
N HIS D 35 -1.35 -6.00 35.48
CA HIS D 35 -0.83 -6.07 36.85
C HIS D 35 -1.25 -4.81 37.61
N ILE D 36 -2.20 -4.99 38.55
CA ILE D 36 -2.78 -3.89 39.33
C ILE D 36 -3.01 -4.32 40.79
N GLU D 37 -2.88 -3.36 41.73
CA GLU D 37 -3.09 -3.58 43.16
C GLU D 37 -4.21 -2.65 43.65
N ILE D 38 -5.43 -3.20 43.78
CA ILE D 38 -6.62 -2.47 44.22
C ILE D 38 -6.84 -2.69 45.72
N GLN D 39 -6.99 -1.60 46.47
CA GLN D 39 -7.21 -1.64 47.92
C GLN D 39 -8.41 -0.79 48.31
N MET D 40 -9.42 -1.43 48.92
CA MET D 40 -10.65 -0.77 49.38
C MET D 40 -10.45 -0.38 50.84
N LEU D 41 -10.63 0.93 51.14
CA LEU D 41 -10.40 1.46 52.47
C LEU D 41 -11.66 2.05 53.11
N LYS D 42 -11.68 2.06 54.45
CA LYS D 42 -12.74 2.63 55.29
C LYS D 42 -12.07 3.49 56.36
N ASN D 43 -12.02 4.82 56.13
CA ASN D 43 -11.40 5.85 56.97
C ASN D 43 -9.89 5.56 57.13
N GLY D 44 -9.17 5.59 56.00
CA GLY D 44 -7.73 5.35 55.95
C GLY D 44 -7.34 3.89 55.90
N LYS D 45 -7.72 3.12 56.93
CA LYS D 45 -7.41 1.69 57.05
C LYS D 45 -8.19 0.86 56.03
N LYS D 46 -7.57 -0.21 55.52
CA LYS D 46 -8.16 -1.11 54.52
C LYS D 46 -9.25 -2.01 55.13
N ILE D 47 -10.31 -2.28 54.33
CA ILE D 47 -11.45 -3.11 54.69
C ILE D 47 -10.97 -4.59 54.75
N PRO D 48 -11.36 -5.34 55.81
CA PRO D 48 -10.85 -6.71 55.99
C PRO D 48 -11.23 -7.70 54.87
N LYS D 49 -12.51 -8.08 54.76
CA LYS D 49 -12.97 -9.04 53.76
C LYS D 49 -13.38 -8.33 52.46
N VAL D 50 -12.49 -8.33 51.46
CA VAL D 50 -12.71 -7.71 50.14
C VAL D 50 -12.60 -8.78 49.05
N GLU D 51 -13.70 -8.98 48.30
CA GLU D 51 -13.79 -9.94 47.20
C GLU D 51 -13.30 -9.31 45.89
N MET D 52 -12.69 -10.14 45.02
CA MET D 52 -12.17 -9.70 43.72
C MET D 52 -12.75 -10.53 42.58
N SER D 53 -13.36 -9.87 41.59
CA SER D 53 -13.93 -10.55 40.41
C SER D 53 -12.80 -10.93 39.44
N ASP D 54 -13.09 -11.84 38.50
CA ASP D 54 -12.13 -12.29 37.49
C ASP D 54 -11.86 -11.17 36.49
N MET D 55 -10.57 -10.86 36.25
CA MET D 55 -10.15 -9.79 35.34
C MET D 55 -10.50 -10.12 33.89
N SER D 56 -11.21 -9.20 33.24
CA SER D 56 -11.65 -9.30 31.85
C SER D 56 -11.22 -8.06 31.06
N PHE D 57 -11.40 -8.07 29.72
CA PHE D 57 -11.04 -6.95 28.86
C PHE D 57 -12.10 -6.75 27.76
N SER D 58 -12.28 -5.50 27.30
CA SER D 58 -13.24 -5.17 26.25
C SER D 58 -12.61 -5.31 24.85
N LYS D 59 -13.32 -4.84 23.81
CA LYS D 59 -12.90 -4.89 22.41
C LYS D 59 -11.61 -4.08 22.14
N ASP D 60 -11.39 -2.97 22.88
CA ASP D 60 -10.20 -2.12 22.72
C ASP D 60 -8.98 -2.62 23.54
N TRP D 61 -9.02 -3.90 23.98
CA TRP D 61 -7.99 -4.63 24.73
C TRP D 61 -7.69 -4.04 26.14
N SER D 62 -8.41 -2.99 26.56
CA SER D 62 -8.22 -2.38 27.88
C SER D 62 -8.86 -3.28 28.95
N PHE D 63 -8.15 -3.52 30.06
CA PHE D 63 -8.60 -4.41 31.15
C PHE D 63 -9.63 -3.76 32.07
N TYR D 64 -10.53 -4.61 32.62
CA TYR D 64 -11.62 -4.26 33.53
C TYR D 64 -11.65 -5.23 34.71
N ILE D 65 -11.82 -4.70 35.94
CA ILE D 65 -11.90 -5.50 37.18
C ILE D 65 -12.80 -4.78 38.21
N LEU D 66 -13.53 -5.58 39.00
CA LEU D 66 -14.43 -5.09 40.05
C LEU D 66 -14.09 -5.70 41.41
N ALA D 67 -14.07 -4.85 42.45
CA ALA D 67 -13.82 -5.24 43.84
C ALA D 67 -14.99 -4.81 44.70
N HIS D 68 -15.61 -5.75 45.44
CA HIS D 68 -16.77 -5.45 46.29
C HIS D 68 -16.63 -6.00 47.70
N THR D 69 -17.24 -5.30 48.68
CA THR D 69 -17.26 -5.64 50.10
C THR D 69 -18.50 -5.03 50.79
N GLU D 70 -19.03 -5.71 51.82
CA GLU D 70 -20.19 -5.26 52.60
C GLU D 70 -19.79 -4.08 53.48
N PHE D 71 -20.66 -3.05 53.56
CA PHE D 71 -20.39 -1.83 54.34
C PHE D 71 -21.67 -1.17 54.86
N THR D 72 -21.56 -0.45 55.99
CA THR D 72 -22.67 0.28 56.60
C THR D 72 -22.36 1.79 56.47
N PRO D 73 -23.04 2.51 55.53
CA PRO D 73 -22.73 3.94 55.36
C PRO D 73 -23.20 4.80 56.54
N THR D 74 -22.37 5.80 56.91
CA THR D 74 -22.61 6.75 57.99
C THR D 74 -22.24 8.15 57.48
N GLU D 75 -22.85 9.21 58.07
CA GLU D 75 -22.61 10.62 57.73
C GLU D 75 -21.17 11.06 58.01
N THR D 76 -20.49 10.39 58.97
CA THR D 76 -19.11 10.70 59.37
C THR D 76 -18.09 9.76 58.70
N ASP D 77 -18.41 8.45 58.59
CA ASP D 77 -17.54 7.42 58.01
C ASP D 77 -17.20 7.71 56.54
N THR D 78 -15.89 7.70 56.21
CA THR D 78 -15.35 7.95 54.88
C THR D 78 -14.90 6.64 54.23
N TYR D 79 -15.27 6.45 52.96
CA TYR D 79 -14.92 5.27 52.17
C TYR D 79 -14.17 5.70 50.91
N ALA D 80 -13.04 5.03 50.62
CA ALA D 80 -12.20 5.33 49.44
C ALA D 80 -11.55 4.07 48.87
N CYS D 81 -11.19 4.11 47.58
CA CYS D 81 -10.56 2.98 46.90
C CYS D 81 -9.21 3.41 46.30
N ARG D 82 -8.11 2.97 46.92
CA ARG D 82 -6.75 3.28 46.46
C ARG D 82 -6.29 2.24 45.45
N VAL D 83 -5.85 2.70 44.27
CA VAL D 83 -5.41 1.84 43.17
C VAL D 83 -3.93 2.13 42.84
N LYS D 84 -3.10 1.07 42.85
CA LYS D 84 -1.68 1.14 42.53
C LYS D 84 -1.43 0.46 41.18
N HIS D 85 -0.95 1.25 40.19
CA HIS D 85 -0.68 0.78 38.83
C HIS D 85 0.66 1.33 38.31
N ALA D 86 1.26 0.62 37.34
CA ALA D 86 2.56 0.95 36.71
C ALA D 86 2.54 2.30 35.96
N SER D 87 1.39 2.68 35.37
CA SER D 87 1.23 3.93 34.61
C SER D 87 1.30 5.18 35.50
N MET D 88 0.90 5.05 36.78
CA MET D 88 0.89 6.15 37.74
C MET D 88 2.12 6.09 38.67
N ALA D 89 2.77 7.25 38.89
CA ALA D 89 3.93 7.36 39.78
C ALA D 89 3.50 7.25 41.25
N GLU D 90 2.36 7.88 41.59
CA GLU D 90 1.75 7.86 42.93
C GLU D 90 0.40 7.13 42.88
N PRO D 91 0.03 6.34 43.92
CA PRO D 91 -1.26 5.63 43.88
C PRO D 91 -2.44 6.58 44.07
N LYS D 92 -3.42 6.52 43.14
CA LYS D 92 -4.61 7.35 43.17
C LYS D 92 -5.67 6.76 44.09
N THR D 93 -6.21 7.58 45.01
CA THR D 93 -7.25 7.19 45.95
C THR D 93 -8.53 7.98 45.66
N VAL D 94 -9.55 7.29 45.11
CA VAL D 94 -10.83 7.91 44.76
C VAL D 94 -11.83 7.69 45.90
N TYR D 95 -12.28 8.79 46.51
CA TYR D 95 -13.24 8.78 47.62
C TYR D 95 -14.65 8.51 47.11
N TRP D 96 -15.43 7.74 47.88
CA TRP D 96 -16.82 7.41 47.54
C TRP D 96 -17.74 8.60 47.77
N ASP D 97 -18.51 8.96 46.74
CA ASP D 97 -19.48 10.05 46.79
C ASP D 97 -20.89 9.47 46.70
N ARG D 98 -21.76 9.79 47.69
CA ARG D 98 -23.14 9.30 47.77
C ARG D 98 -23.98 9.86 46.61
N ASP D 99 -23.58 11.02 46.07
CA ASP D 99 -24.23 11.73 44.97
C ASP D 99 -23.70 11.28 43.59
N MET D 100 -22.75 10.32 43.55
CA MET D 100 -22.16 9.81 42.31
C MET D 100 -22.11 8.27 42.29
N VAL E 1 -18.56 -24.34 24.32
CA VAL E 1 -17.13 -24.65 24.42
C VAL E 1 -16.29 -23.61 23.64
N GLY E 2 -14.99 -23.58 23.93
CA GLY E 2 -14.03 -22.71 23.25
C GLY E 2 -13.33 -23.45 22.14
N ILE E 3 -12.10 -23.02 21.80
CA ILE E 3 -11.32 -23.66 20.73
C ILE E 3 -9.81 -23.64 21.11
N THR E 4 -9.06 -24.63 20.61
CA THR E 4 -7.63 -24.79 20.84
C THR E 4 -6.86 -23.74 20.04
N ASN E 5 -5.92 -23.05 20.70
CA ASN E 5 -5.09 -22.01 20.11
C ASN E 5 -4.00 -22.59 19.21
N VAL E 6 -3.80 -21.97 18.03
CA VAL E 6 -2.76 -22.35 17.08
C VAL E 6 -1.53 -21.49 17.40
N ASP E 7 -0.35 -22.12 17.52
CA ASP E 7 0.93 -21.50 17.87
C ASP E 7 1.28 -20.33 16.94
N LEU E 8 1.67 -19.21 17.56
CA LEU E 8 2.04 -17.95 16.89
C LEU E 8 3.51 -17.95 16.49
N VAL F 1 29.34 -14.23 -23.75
CA VAL F 1 28.25 -15.18 -23.53
C VAL F 1 27.13 -14.55 -22.69
N GLY F 2 25.96 -15.19 -22.70
CA GLY F 2 24.81 -14.77 -21.92
C GLY F 2 24.74 -15.53 -20.61
N ILE F 3 23.51 -15.70 -20.06
CA ILE F 3 23.31 -16.41 -18.80
C ILE F 3 21.97 -17.19 -18.85
N THR F 4 21.90 -18.32 -18.12
CA THR F 4 20.73 -19.18 -18.03
C THR F 4 19.65 -18.49 -17.19
N ASN F 5 18.41 -18.49 -17.71
CA ASN F 5 17.25 -17.87 -17.07
C ASN F 5 16.73 -18.73 -15.93
N VAL F 6 16.38 -18.09 -14.80
CA VAL F 6 15.81 -18.75 -13.62
C VAL F 6 14.28 -18.66 -13.78
N ASP F 7 13.59 -19.81 -13.61
CA ASP F 7 12.14 -19.97 -13.76
C ASP F 7 11.35 -18.97 -12.90
N LEU F 8 10.37 -18.30 -13.54
CA LEU F 8 9.50 -17.30 -12.94
C LEU F 8 8.29 -17.95 -12.27
N VAL G 10 -6.53 13.18 -20.90
CA VAL G 10 -6.59 12.42 -19.65
C VAL G 10 -5.49 12.93 -18.72
N LYS G 11 -5.88 13.34 -17.49
CA LYS G 11 -4.98 13.85 -16.44
C LYS G 11 -5.68 13.84 -15.08
N TYR G 12 -4.93 13.46 -14.02
CA TYR G 12 -5.44 13.41 -12.64
C TYR G 12 -4.39 13.90 -11.64
N TRP G 13 -4.78 14.03 -10.36
CA TRP G 13 -3.89 14.47 -9.28
C TRP G 13 -4.06 13.62 -8.02
N PHE G 14 -2.93 13.24 -7.40
CA PHE G 14 -2.83 12.42 -6.19
C PHE G 14 -1.90 13.10 -5.17
N CYS G 15 -1.99 12.74 -3.88
CA CYS G 15 -1.15 13.35 -2.85
C CYS G 15 -0.55 12.30 -1.91
N TYR G 16 0.63 12.61 -1.34
CA TYR G 16 1.38 11.78 -0.40
C TYR G 16 2.32 12.63 0.45
N SER G 17 2.33 12.39 1.78
CA SER G 17 3.12 13.10 2.80
C SER G 17 2.81 14.62 2.77
N THR G 18 3.75 15.46 2.34
CA THR G 18 3.58 16.91 2.24
C THR G 18 3.87 17.35 0.80
N LYS G 19 3.36 16.57 -0.18
CA LYS G 19 3.57 16.82 -1.61
C LYS G 19 2.43 16.22 -2.45
N CYS G 20 1.77 17.06 -3.26
CA CYS G 20 0.70 16.63 -4.16
C CYS G 20 1.28 16.50 -5.57
N TYR G 21 1.00 15.38 -6.24
CA TYR G 21 1.50 15.08 -7.58
C TYR G 21 0.42 15.20 -8.64
N TYR G 22 0.79 15.74 -9.82
CA TYR G 22 -0.07 15.90 -10.98
C TYR G 22 0.40 14.94 -12.07
N PHE G 23 -0.47 14.03 -12.51
CA PHE G 23 -0.15 13.04 -13.54
C PHE G 23 -0.82 13.37 -14.86
N ILE G 24 -0.01 13.58 -15.92
CA ILE G 24 -0.49 13.87 -17.27
C ILE G 24 -0.43 12.56 -18.06
N MET G 25 -1.58 12.08 -18.55
CA MET G 25 -1.67 10.81 -19.28
C MET G 25 -1.66 11.07 -20.81
N ASN G 26 -0.64 11.80 -21.27
CA ASN G 26 -0.40 12.14 -22.68
C ASN G 26 1.09 12.02 -22.98
N LYS G 27 1.44 11.19 -23.97
CA LYS G 27 2.84 10.94 -24.33
C LYS G 27 3.45 12.14 -25.07
N THR G 28 4.41 12.80 -24.41
CA THR G 28 5.17 13.97 -24.89
C THR G 28 6.64 13.85 -24.46
N THR G 29 7.54 14.60 -25.13
CA THR G 29 8.98 14.64 -24.84
C THR G 29 9.25 15.24 -23.46
N TRP G 30 10.48 15.08 -22.93
CA TRP G 30 10.87 15.62 -21.61
C TRP G 30 10.73 17.14 -21.57
N SER G 31 11.12 17.82 -22.67
CA SER G 31 11.02 19.29 -22.81
C SER G 31 9.56 19.74 -22.83
N GLY G 32 8.70 18.93 -23.45
CA GLY G 32 7.26 19.16 -23.52
C GLY G 32 6.59 18.94 -22.19
N CYS G 33 7.01 17.87 -21.48
CA CYS G 33 6.54 17.48 -20.14
C CYS G 33 6.91 18.57 -19.13
N LYS G 34 8.13 19.15 -19.26
CA LYS G 34 8.63 20.24 -18.41
C LYS G 34 7.79 21.50 -18.63
N ALA G 35 7.45 21.80 -19.91
CA ALA G 35 6.64 22.96 -20.30
C ALA G 35 5.19 22.81 -19.86
N ASN G 36 4.63 21.59 -19.94
CA ASN G 36 3.25 21.29 -19.52
C ASN G 36 3.09 21.41 -18.01
N CYS G 37 4.15 21.08 -17.23
CA CYS G 37 4.15 21.18 -15.77
C CYS G 37 4.14 22.65 -15.35
N GLN G 38 5.07 23.47 -15.92
CA GLN G 38 5.22 24.91 -15.64
C GLN G 38 3.96 25.72 -15.99
N HIS G 39 3.15 25.23 -16.96
CA HIS G 39 1.90 25.85 -17.41
C HIS G 39 0.85 25.82 -16.28
N TYR G 40 0.75 24.69 -15.55
CA TYR G 40 -0.19 24.53 -14.43
C TYR G 40 0.42 25.06 -13.11
N SER G 41 1.62 25.70 -13.19
CA SER G 41 2.41 26.29 -12.09
C SER G 41 2.87 25.24 -11.06
N VAL G 42 2.90 23.95 -11.46
CA VAL G 42 3.34 22.81 -10.64
C VAL G 42 4.62 22.26 -11.28
N PRO G 43 5.82 22.43 -10.69
CA PRO G 43 7.06 21.94 -11.34
C PRO G 43 7.10 20.43 -11.51
N ILE G 44 7.90 19.93 -12.48
CA ILE G 44 8.09 18.51 -12.79
C ILE G 44 8.67 17.80 -11.54
N LEU G 45 8.13 16.60 -11.24
CA LEU G 45 8.45 15.77 -10.07
C LEU G 45 9.95 15.60 -9.82
N LYS G 46 10.37 15.94 -8.59
CA LYS G 46 11.73 15.83 -8.06
C LYS G 46 11.64 14.96 -6.80
N ILE G 47 11.89 13.65 -6.93
CA ILE G 47 11.82 12.67 -5.84
C ILE G 47 12.88 13.00 -4.78
N GLU G 48 12.41 13.28 -3.55
CA GLU G 48 13.25 13.68 -2.42
C GLU G 48 13.93 12.47 -1.75
N ASP G 49 13.16 11.44 -1.37
CA ASP G 49 13.68 10.25 -0.67
C ASP G 49 13.26 8.93 -1.36
N GLU G 50 13.89 7.81 -0.96
CA GLU G 50 13.62 6.47 -1.50
C GLU G 50 12.22 5.98 -1.16
N ASP G 51 11.65 6.43 -0.02
CA ASP G 51 10.29 6.08 0.43
C ASP G 51 9.24 6.68 -0.52
N GLU G 52 9.53 7.90 -1.07
CA GLU G 52 8.69 8.61 -2.02
C GLU G 52 8.67 7.86 -3.36
N LEU G 53 9.87 7.39 -3.80
CA LEU G 53 10.07 6.62 -5.03
C LEU G 53 9.31 5.29 -4.98
N LYS G 54 9.33 4.62 -3.79
CA LYS G 54 8.64 3.36 -3.51
C LYS G 54 7.13 3.51 -3.70
N PHE G 55 6.55 4.64 -3.22
CA PHE G 55 5.13 4.95 -3.34
C PHE G 55 4.76 5.21 -4.80
N LEU G 56 5.56 6.03 -5.51
CA LEU G 56 5.36 6.39 -6.91
C LEU G 56 5.41 5.17 -7.83
N GLN G 57 6.27 4.19 -7.52
CA GLN G 57 6.41 2.96 -8.29
C GLN G 57 5.22 2.03 -8.02
N ARG G 58 4.77 1.95 -6.75
CA ARG G 58 3.65 1.12 -6.30
C ARG G 58 2.31 1.66 -6.84
N HIS G 59 2.10 2.98 -6.71
CA HIS G 59 0.88 3.64 -7.20
C HIS G 59 1.20 4.37 -8.51
N VAL G 60 0.79 3.75 -9.64
CA VAL G 60 0.90 4.20 -11.04
C VAL G 60 0.32 3.14 -11.96
N ILE G 61 -0.15 3.57 -13.13
CA ILE G 61 -0.60 2.69 -14.21
C ILE G 61 0.70 2.16 -14.85
N PRO G 62 0.83 0.83 -15.12
CA PRO G 62 2.10 0.30 -15.67
C PRO G 62 2.46 0.90 -17.03
N GLU G 63 3.41 1.88 -17.01
CA GLU G 63 3.95 2.62 -18.16
C GLU G 63 5.20 3.43 -17.73
N ASN G 64 5.87 4.10 -18.69
CA ASN G 64 7.05 4.93 -18.45
C ASN G 64 6.60 6.37 -18.19
N TYR G 65 7.20 7.04 -17.19
CA TYR G 65 6.85 8.40 -16.77
C TYR G 65 8.07 9.31 -16.65
N TRP G 66 8.05 10.48 -17.30
CA TRP G 66 9.16 11.45 -17.24
C TRP G 66 9.24 12.12 -15.87
N ILE G 67 10.48 12.22 -15.31
CA ILE G 67 10.73 12.88 -14.01
C ILE G 67 11.74 14.02 -14.21
N GLY G 68 11.79 14.94 -13.24
CA GLY G 68 12.63 16.14 -13.24
C GLY G 68 14.14 16.01 -13.35
N LEU G 69 14.67 14.78 -13.46
CA LEU G 69 16.11 14.55 -13.58
C LEU G 69 16.51 14.49 -15.06
N SER G 70 17.51 15.31 -15.42
CA SER G 70 18.05 15.43 -16.78
C SER G 70 19.54 15.78 -16.76
N TYR G 71 20.25 15.49 -17.87
CA TYR G 71 21.67 15.80 -17.99
C TYR G 71 21.86 17.17 -18.64
N ASP G 72 22.70 18.03 -18.02
CA ASP G 72 23.00 19.37 -18.51
C ASP G 72 24.32 19.35 -19.28
N LYS G 73 24.32 19.87 -20.52
CA LYS G 73 25.49 19.93 -21.40
C LYS G 73 26.49 21.01 -20.97
N LYS G 74 25.97 22.17 -20.50
CA LYS G 74 26.79 23.31 -20.06
C LYS G 74 27.46 23.02 -18.71
N LYS G 75 26.71 22.42 -17.76
CA LYS G 75 27.19 22.08 -16.42
C LYS G 75 28.05 20.80 -16.42
N LYS G 76 27.85 19.91 -17.41
CA LYS G 76 28.56 18.64 -17.65
C LYS G 76 28.33 17.67 -16.46
N GLU G 77 27.10 17.67 -15.91
CA GLU G 77 26.67 16.83 -14.79
C GLU G 77 25.14 16.70 -14.75
N TRP G 78 24.64 15.62 -14.10
CA TRP G 78 23.21 15.34 -13.93
C TRP G 78 22.62 16.27 -12.89
N ALA G 79 21.48 16.91 -13.20
CA ALA G 79 20.83 17.86 -12.29
C ALA G 79 19.30 17.79 -12.37
N TRP G 80 18.63 18.05 -11.22
CA TRP G 80 17.18 18.09 -11.10
C TRP G 80 16.63 19.45 -11.60
N ILE G 81 15.30 19.64 -11.56
CA ILE G 81 14.63 20.87 -12.01
C ILE G 81 14.98 22.06 -11.09
N ASP G 82 14.99 21.85 -9.75
CA ASP G 82 15.32 22.88 -8.77
C ASP G 82 16.84 23.16 -8.73
N ASN G 83 17.64 22.29 -9.41
CA ASN G 83 19.10 22.32 -9.51
C ASN G 83 19.73 22.18 -8.10
N GLY G 84 19.05 21.42 -7.24
CA GLY G 84 19.45 21.16 -5.86
C GLY G 84 19.69 19.69 -5.56
N PRO G 85 20.13 19.35 -4.33
CA PRO G 85 20.40 17.94 -4.01
C PRO G 85 19.16 17.17 -3.54
N SER G 86 19.31 15.83 -3.47
CA SER G 86 18.28 14.88 -3.05
C SER G 86 18.94 13.74 -2.25
N LYS G 87 18.15 13.02 -1.42
CA LYS G 87 18.63 11.90 -0.63
C LYS G 87 18.94 10.68 -1.52
N LEU G 88 18.24 10.58 -2.67
CA LEU G 88 18.39 9.49 -3.65
C LEU G 88 19.56 9.70 -4.62
N ASP G 89 20.25 10.87 -4.55
CA ASP G 89 21.38 11.23 -5.43
C ASP G 89 22.46 10.15 -5.53
N MET G 90 22.70 9.39 -4.43
CA MET G 90 23.69 8.31 -4.41
C MET G 90 23.22 7.10 -5.23
N LYS G 91 21.91 6.76 -5.17
CA LYS G 91 21.31 5.65 -5.90
C LYS G 91 21.37 5.91 -7.42
N ILE G 92 21.20 7.18 -7.83
CA ILE G 92 21.26 7.60 -9.23
C ILE G 92 22.72 7.54 -9.71
N ARG G 93 23.67 8.00 -8.87
CA ARG G 93 25.10 8.02 -9.18
C ARG G 93 25.71 6.60 -9.20
N LYS G 94 25.06 5.64 -8.50
CA LYS G 94 25.46 4.23 -8.45
C LYS G 94 25.03 3.51 -9.73
N MET G 95 23.93 4.01 -10.37
CA MET G 95 23.35 3.45 -11.59
C MET G 95 24.17 3.78 -12.85
N ASN G 96 25.23 4.61 -12.71
CA ASN G 96 26.19 5.05 -13.73
C ASN G 96 25.54 5.23 -15.12
N PHE G 97 24.61 6.20 -15.19
CA PHE G 97 23.90 6.56 -16.42
C PHE G 97 24.85 7.23 -17.40
N LYS G 98 24.58 7.10 -18.71
CA LYS G 98 25.38 7.73 -19.76
C LYS G 98 25.23 9.26 -19.66
N SER G 99 26.32 10.01 -19.90
CA SER G 99 26.34 11.48 -19.83
C SER G 99 25.59 12.12 -21.02
N ARG G 100 24.32 11.68 -21.21
CA ARG G 100 23.38 12.10 -22.26
C ARG G 100 22.00 11.51 -21.98
N GLY G 101 20.96 12.32 -22.20
CA GLY G 101 19.58 11.91 -22.01
C GLY G 101 18.92 12.36 -20.71
N CYS G 102 17.67 11.91 -20.51
CA CYS G 102 16.83 12.21 -19.34
C CYS G 102 16.42 10.90 -18.64
N VAL G 103 16.01 10.98 -17.36
CA VAL G 103 15.61 9.81 -16.58
C VAL G 103 14.07 9.67 -16.55
N PHE G 104 13.56 8.44 -16.73
CA PHE G 104 12.14 8.10 -16.69
C PHE G 104 11.86 7.14 -15.52
N LEU G 105 10.60 7.14 -15.05
CA LEU G 105 10.16 6.31 -13.93
C LEU G 105 9.14 5.25 -14.40
N SER G 106 9.40 3.99 -14.02
CA SER G 106 8.53 2.85 -14.30
C SER G 106 8.20 2.15 -12.96
N LYS G 107 7.28 1.16 -12.99
CA LYS G 107 6.81 0.44 -11.80
C LYS G 107 7.91 -0.32 -11.02
N ALA G 108 9.08 -0.58 -11.63
CA ALA G 108 10.16 -1.30 -10.96
C ALA G 108 11.57 -0.73 -11.25
N ARG G 109 11.69 0.15 -12.25
CA ARG G 109 12.98 0.74 -12.67
C ARG G 109 12.94 2.27 -12.75
N ILE G 110 14.14 2.90 -12.76
CA ILE G 110 14.36 4.34 -12.92
C ILE G 110 15.66 4.50 -13.74
N GLU G 111 15.54 4.31 -15.07
CA GLU G 111 16.67 4.36 -16.00
C GLU G 111 16.68 5.63 -16.87
N ASP G 112 17.79 5.85 -17.58
CA ASP G 112 18.03 6.98 -18.48
C ASP G 112 17.79 6.57 -19.94
N ILE G 113 17.32 7.53 -20.77
CA ILE G 113 17.06 7.35 -22.20
C ILE G 113 16.98 8.74 -22.89
N ASP G 114 16.94 8.77 -24.24
CA ASP G 114 16.83 9.99 -25.05
C ASP G 114 15.55 10.73 -24.68
N CYS G 115 15.67 12.06 -24.44
CA CYS G 115 14.57 12.94 -24.02
C CYS G 115 13.51 13.13 -25.13
N ASN G 116 13.86 12.82 -26.38
CA ASN G 116 12.98 12.96 -27.55
C ASN G 116 11.90 11.86 -27.63
N ILE G 117 12.02 10.78 -26.83
CA ILE G 117 11.05 9.68 -26.82
C ILE G 117 9.84 10.11 -25.97
N PRO G 118 8.59 10.02 -26.48
CA PRO G 118 7.45 10.49 -25.70
C PRO G 118 6.87 9.46 -24.71
N TYR G 119 6.79 9.87 -23.43
CA TYR G 119 6.21 9.10 -22.33
C TYR G 119 5.22 9.97 -21.55
N TYR G 120 4.54 9.40 -20.53
CA TYR G 120 3.62 10.15 -19.67
C TYR G 120 4.41 11.13 -18.79
N CYS G 121 3.74 12.14 -18.24
CA CYS G 121 4.37 13.22 -17.48
C CYS G 121 3.88 13.27 -16.02
N ILE G 122 4.81 13.58 -15.07
CA ILE G 122 4.51 13.73 -13.64
C ILE G 122 5.03 15.09 -13.15
N CYS G 123 4.15 15.89 -12.53
CA CYS G 123 4.48 17.18 -11.93
C CYS G 123 4.36 17.03 -10.41
N GLY G 124 5.25 17.67 -9.66
CA GLY G 124 5.26 17.60 -8.20
C GLY G 124 5.70 18.87 -7.51
N LYS G 125 4.88 19.34 -6.55
CA LYS G 125 5.15 20.54 -5.75
C LYS G 125 4.90 20.26 -4.26
N LYS G 126 5.92 20.51 -3.42
CA LYS G 126 5.84 20.29 -1.97
C LYS G 126 4.91 21.32 -1.32
N LEU G 127 3.90 20.85 -0.56
CA LEU G 127 2.93 21.70 0.13
C LEU G 127 3.56 22.31 1.37
N ASP G 128 3.52 23.65 1.49
CA ASP G 128 4.09 24.37 2.63
C ASP G 128 3.14 24.34 3.84
N LYS G 129 1.84 24.56 3.60
CA LYS G 129 0.81 24.58 4.63
C LYS G 129 -0.37 23.64 4.27
N PHE G 130 -1.30 23.43 5.23
CA PHE G 130 -2.50 22.61 5.06
C PHE G 130 -3.44 23.27 4.04
N PRO G 131 -4.03 22.51 3.08
CA PRO G 131 -4.90 23.15 2.07
C PRO G 131 -6.25 23.58 2.65
N LYS H 11 -0.52 16.90 17.95
CA LYS H 11 -1.36 16.81 16.76
C LYS H 11 -0.55 17.07 15.48
N TYR H 12 -0.82 16.29 14.42
CA TYR H 12 -0.15 16.41 13.12
C TYR H 12 -1.14 16.23 11.95
N TRP H 13 -0.66 16.46 10.71
CA TRP H 13 -1.47 16.31 9.50
C TRP H 13 -0.70 15.58 8.39
N PHE H 14 -1.40 14.65 7.71
CA PHE H 14 -0.90 13.81 6.62
C PHE H 14 -1.88 13.87 5.43
N CYS H 15 -1.43 13.54 4.21
CA CYS H 15 -2.30 13.57 3.03
C CYS H 15 -2.15 12.30 2.18
N TYR H 16 -3.24 11.93 1.46
CA TYR H 16 -3.31 10.75 0.58
C TYR H 16 -4.43 10.94 -0.46
N SER H 17 -4.13 10.64 -1.74
CA SER H 17 -5.04 10.76 -2.89
C SER H 17 -5.51 12.21 -3.05
N THR H 18 -6.81 12.49 -2.83
CA THR H 18 -7.40 13.83 -2.92
C THR H 18 -8.06 14.16 -1.58
N LYS H 19 -7.37 13.83 -0.46
CA LYS H 19 -7.88 14.02 0.90
C LYS H 19 -6.73 14.16 1.91
N CYS H 20 -6.71 15.27 2.67
CA CYS H 20 -5.73 15.50 3.73
C CYS H 20 -6.37 15.18 5.07
N TYR H 21 -5.66 14.41 5.90
CA TYR H 21 -6.13 13.98 7.21
C TYR H 21 -5.42 14.71 8.35
N TYR H 22 -6.16 15.07 9.41
CA TYR H 22 -5.63 15.74 10.59
C TYR H 22 -5.80 14.81 11.79
N PHE H 23 -4.68 14.41 12.40
CA PHE H 23 -4.64 13.47 13.51
C PHE H 23 -4.44 14.19 14.85
N ILE H 24 -5.41 14.03 15.77
CA ILE H 24 -5.35 14.61 17.12
C ILE H 24 -4.89 13.50 18.07
N MET H 25 -3.73 13.71 18.73
CA MET H 25 -3.15 12.72 19.65
C MET H 25 -3.53 13.05 21.12
N ASN H 26 -4.84 13.18 21.36
CA ASN H 26 -5.44 13.45 22.67
C ASN H 26 -6.69 12.60 22.82
N LYS H 27 -6.75 11.78 23.89
CA LYS H 27 -7.87 10.88 24.14
C LYS H 27 -9.10 11.64 24.63
N THR H 28 -10.16 11.65 23.79
CA THR H 28 -11.46 12.30 24.04
C THR H 28 -12.58 11.40 23.48
N THR H 29 -13.83 11.63 23.94
CA THR H 29 -15.04 10.91 23.51
C THR H 29 -15.34 11.19 22.02
N TRP H 30 -16.22 10.38 21.40
CA TRP H 30 -16.61 10.55 19.99
C TRP H 30 -17.25 11.92 19.75
N SER H 31 -18.10 12.39 20.69
CA SER H 31 -18.77 13.69 20.65
C SER H 31 -17.75 14.83 20.75
N GLY H 32 -16.72 14.62 21.56
CA GLY H 32 -15.62 15.57 21.76
C GLY H 32 -14.72 15.63 20.53
N CYS H 33 -14.43 14.45 19.94
CA CYS H 33 -13.62 14.27 18.73
C CYS H 33 -14.32 14.94 17.55
N LYS H 34 -15.67 14.81 17.46
CA LYS H 34 -16.51 15.44 16.43
C LYS H 34 -16.45 16.98 16.56
N ALA H 35 -16.52 17.49 17.81
CA ALA H 35 -16.48 18.91 18.12
C ALA H 35 -15.10 19.51 17.85
N ASN H 36 -14.01 18.76 18.16
CA ASN H 36 -12.63 19.18 17.94
C ASN H 36 -12.30 19.27 16.45
N CYS H 37 -12.91 18.39 15.63
CA CYS H 37 -12.73 18.38 14.17
C CYS H 37 -13.39 19.61 13.54
N GLN H 38 -14.67 19.87 13.90
CA GLN H 38 -15.49 21.00 13.40
C GLN H 38 -14.89 22.37 13.76
N HIS H 39 -14.16 22.46 14.89
CA HIS H 39 -13.51 23.68 15.36
C HIS H 39 -12.39 24.09 14.40
N TYR H 40 -11.63 23.11 13.88
CA TYR H 40 -10.53 23.29 12.93
C TYR H 40 -11.05 23.36 11.47
N SER H 41 -12.40 23.36 11.29
CA SER H 41 -13.16 23.40 10.03
C SER H 41 -12.88 22.19 9.11
N VAL H 42 -12.33 21.09 9.68
CA VAL H 42 -12.03 19.85 8.97
C VAL H 42 -12.94 18.76 9.56
N PRO H 43 -13.97 18.26 8.83
CA PRO H 43 -14.88 17.25 9.42
C PRO H 43 -14.19 15.92 9.78
N ILE H 44 -14.77 15.17 10.72
CA ILE H 44 -14.27 13.85 11.20
C ILE H 44 -14.21 12.88 10.00
N LEU H 45 -13.11 12.10 9.92
CA LEU H 45 -12.78 11.14 8.87
C LEU H 45 -13.95 10.21 8.48
N LYS H 46 -14.27 10.21 7.17
CA LYS H 46 -15.28 9.37 6.54
C LYS H 46 -14.59 8.58 5.42
N ILE H 47 -14.16 7.34 5.72
CA ILE H 47 -13.42 6.47 4.79
C ILE H 47 -14.32 6.12 3.59
N GLU H 48 -13.87 6.51 2.38
CA GLU H 48 -14.61 6.34 1.13
C GLU H 48 -14.49 4.93 0.55
N ASP H 49 -13.26 4.39 0.44
CA ASP H 49 -12.99 3.06 -0.13
C ASP H 49 -12.09 2.21 0.78
N GLU H 50 -11.98 0.89 0.48
CA GLU H 50 -11.17 -0.08 1.23
C GLU H 50 -9.68 0.22 1.10
N ASP H 51 -9.25 0.81 -0.03
CA ASP H 51 -7.85 1.19 -0.30
C ASP H 51 -7.41 2.32 0.65
N GLU H 52 -8.35 3.23 0.99
CA GLU H 52 -8.14 4.35 1.91
C GLU H 52 -7.96 3.81 3.34
N LEU H 53 -8.79 2.82 3.73
CA LEU H 53 -8.78 2.14 5.03
C LEU H 53 -7.45 1.41 5.23
N LYS H 54 -6.94 0.75 4.16
CA LYS H 54 -5.68 0.01 4.13
C LYS H 54 -4.50 0.94 4.44
N PHE H 55 -4.50 2.17 3.85
CA PHE H 55 -3.48 3.19 4.06
C PHE H 55 -3.51 3.71 5.51
N LEU H 56 -4.72 4.02 6.01
CA LEU H 56 -4.94 4.54 7.36
C LEU H 56 -4.51 3.55 8.44
N GLN H 57 -4.64 2.24 8.18
CA GLN H 57 -4.23 1.20 9.12
C GLN H 57 -2.70 1.03 9.14
N ARG H 58 -2.03 1.14 7.98
CA ARG H 58 -0.58 0.99 7.85
C ARG H 58 0.19 2.21 8.38
N HIS H 59 -0.14 3.42 7.89
CA HIS H 59 0.52 4.67 8.27
C HIS H 59 -0.14 5.32 9.51
N VAL H 60 0.04 4.69 10.71
CA VAL H 60 -0.53 5.20 11.96
C VAL H 60 0.23 4.62 13.20
N ILE H 61 0.13 5.29 14.37
CA ILE H 61 0.76 4.87 15.63
C ILE H 61 -0.17 3.78 16.23
N PRO H 62 0.34 2.61 16.69
CA PRO H 62 -0.55 1.55 17.20
C PRO H 62 -1.39 1.99 18.41
N GLU H 63 -2.67 2.32 18.15
CA GLU H 63 -3.68 2.76 19.12
C GLU H 63 -5.08 2.78 18.46
N ASN H 64 -6.14 3.08 19.25
CA ASN H 64 -7.52 3.17 18.76
C ASN H 64 -7.82 4.61 18.35
N TYR H 65 -8.51 4.80 17.21
CA TYR H 65 -8.81 6.12 16.65
C TYR H 65 -10.29 6.25 16.27
N TRP H 66 -10.96 7.32 16.74
CA TRP H 66 -12.37 7.57 16.44
C TRP H 66 -12.56 8.02 14.98
N ILE H 67 -13.57 7.43 14.29
CA ILE H 67 -13.92 7.77 12.91
C ILE H 67 -15.38 8.24 12.83
N GLY H 68 -15.73 8.93 11.74
CA GLY H 68 -17.03 9.53 11.49
C GLY H 68 -18.28 8.65 11.46
N LEU H 69 -18.13 7.33 11.68
CA LEU H 69 -19.27 6.41 11.69
C LEU H 69 -19.83 6.25 13.11
N SER H 70 -21.15 6.47 13.26
CA SER H 70 -21.86 6.38 14.54
C SER H 70 -23.32 5.93 14.35
N TYR H 71 -23.95 5.44 15.43
CA TYR H 71 -25.34 4.99 15.44
C TYR H 71 -26.24 6.01 16.14
N ASP H 72 -27.38 6.36 15.51
CA ASP H 72 -28.37 7.32 16.02
C ASP H 72 -29.59 6.61 16.61
N LYS H 73 -30.29 7.27 17.54
CA LYS H 73 -31.49 6.74 18.19
C LYS H 73 -32.77 7.19 17.45
N LYS H 74 -32.78 8.40 16.88
CA LYS H 74 -33.92 8.97 16.16
C LYS H 74 -34.13 8.29 14.79
N LYS H 75 -33.05 8.18 13.99
CA LYS H 75 -33.09 7.58 12.65
C LYS H 75 -33.13 6.05 12.73
N LYS H 76 -32.59 5.46 13.84
CA LYS H 76 -32.49 4.02 14.12
C LYS H 76 -31.67 3.26 13.04
N GLU H 77 -30.53 3.85 12.61
CA GLU H 77 -29.62 3.25 11.61
C GLU H 77 -28.19 3.83 11.75
N TRP H 78 -27.18 3.09 11.25
CA TRP H 78 -25.79 3.52 11.24
C TRP H 78 -25.57 4.53 10.12
N ALA H 79 -24.96 5.70 10.45
CA ALA H 79 -24.73 6.75 9.46
C ALA H 79 -23.41 7.48 9.69
N TRP H 80 -22.79 7.97 8.60
CA TRP H 80 -21.54 8.73 8.62
C TRP H 80 -21.83 10.21 8.98
N ILE H 81 -20.78 11.04 9.06
CA ILE H 81 -20.90 12.47 9.40
C ILE H 81 -21.63 13.25 8.28
N ASP H 82 -21.31 12.97 7.00
CA ASP H 82 -21.93 13.62 5.84
C ASP H 82 -23.35 13.09 5.59
N ASN H 83 -23.73 11.99 6.30
CA ASN H 83 -25.01 11.28 6.24
C ASN H 83 -25.24 10.73 4.80
N GLY H 84 -24.13 10.38 4.14
CA GLY H 84 -24.12 9.85 2.79
C GLY H 84 -23.53 8.45 2.66
N PRO H 85 -23.53 7.86 1.44
CA PRO H 85 -23.00 6.49 1.31
C PRO H 85 -21.47 6.45 1.08
N SER H 86 -20.92 5.23 1.11
CA SER H 86 -19.50 4.95 0.91
C SER H 86 -19.32 3.55 0.32
N LYS H 87 -18.16 3.29 -0.33
CA LYS H 87 -17.85 1.96 -0.89
C LYS H 87 -17.47 0.99 0.24
N LEU H 88 -17.04 1.54 1.40
CA LEU H 88 -16.66 0.82 2.60
C LEU H 88 -17.89 0.24 3.33
N ASP H 89 -19.09 0.83 3.08
CA ASP H 89 -20.37 0.43 3.68
C ASP H 89 -20.71 -1.04 3.40
N MET H 90 -20.37 -1.54 2.20
CA MET H 90 -20.60 -2.92 1.75
C MET H 90 -19.91 -3.94 2.66
N LYS H 91 -18.71 -3.60 3.17
CA LYS H 91 -17.91 -4.44 4.07
C LYS H 91 -18.33 -4.24 5.53
N ILE H 92 -18.78 -3.02 5.88
CA ILE H 92 -19.23 -2.63 7.22
C ILE H 92 -20.60 -3.23 7.55
N ARG H 93 -21.46 -3.49 6.53
CA ARG H 93 -22.79 -4.09 6.70
C ARG H 93 -22.72 -5.59 7.00
N LYS H 94 -21.64 -6.27 6.57
CA LYS H 94 -21.44 -7.72 6.81
C LYS H 94 -20.91 -7.97 8.22
N MET H 95 -20.24 -6.95 8.82
CA MET H 95 -19.67 -7.01 10.16
C MET H 95 -20.79 -7.01 11.24
N ASN H 96 -22.03 -6.64 10.86
CA ASN H 96 -23.24 -6.59 11.71
C ASN H 96 -22.94 -6.01 13.11
N PHE H 97 -22.67 -4.70 13.17
CA PHE H 97 -22.37 -4.02 14.44
C PHE H 97 -23.63 -3.94 15.31
N LYS H 98 -23.45 -4.17 16.63
CA LYS H 98 -24.52 -4.15 17.63
C LYS H 98 -25.15 -2.75 17.74
N SER H 99 -26.47 -2.70 18.00
CA SER H 99 -27.22 -1.45 18.14
C SER H 99 -26.68 -0.65 19.33
N ARG H 100 -26.42 0.66 19.08
CA ARG H 100 -25.85 1.67 19.99
C ARG H 100 -24.32 1.56 20.01
N GLY H 101 -23.67 2.72 19.86
CA GLY H 101 -22.22 2.84 19.85
C GLY H 101 -21.65 3.57 18.65
N CYS H 102 -20.33 3.82 18.68
CA CYS H 102 -19.57 4.47 17.62
C CYS H 102 -18.42 3.55 17.18
N VAL H 103 -18.00 3.66 15.91
CA VAL H 103 -16.95 2.80 15.35
C VAL H 103 -15.57 3.48 15.50
N PHE H 104 -14.55 2.69 15.91
CA PHE H 104 -13.17 3.14 16.07
C PHE H 104 -12.26 2.38 15.07
N LEU H 105 -11.11 2.99 14.73
CA LEU H 105 -10.12 2.43 13.80
C LEU H 105 -8.82 2.07 14.52
N SER H 106 -8.36 0.84 14.30
CA SER H 106 -7.08 0.32 14.83
C SER H 106 -6.24 -0.21 13.67
N LYS H 107 -4.98 -0.60 13.93
CA LYS H 107 -4.02 -1.06 12.92
C LYS H 107 -4.45 -2.33 12.15
N ALA H 108 -5.42 -3.11 12.67
CA ALA H 108 -5.88 -4.33 12.00
C ALA H 108 -7.41 -4.53 12.04
N ARG H 109 -8.12 -3.76 12.90
CA ARG H 109 -9.57 -3.88 13.08
C ARG H 109 -10.31 -2.54 12.94
N ILE H 110 -11.64 -2.62 12.75
CA ILE H 110 -12.58 -1.49 12.67
C ILE H 110 -13.90 -1.96 13.31
N GLU H 111 -13.91 -1.97 14.66
CA GLU H 111 -15.05 -2.44 15.44
C GLU H 111 -15.83 -1.29 16.11
N ASP H 112 -17.01 -1.61 16.67
CA ASP H 112 -17.90 -0.68 17.36
C ASP H 112 -17.79 -0.83 18.88
N ILE H 113 -17.94 0.28 19.62
CA ILE H 113 -17.88 0.35 21.08
C ILE H 113 -18.60 1.62 21.58
N ASP H 114 -18.80 1.75 22.92
CA ASP H 114 -19.44 2.92 23.54
C ASP H 114 -18.65 4.19 23.21
N CYS H 115 -19.38 5.24 22.78
CA CYS H 115 -18.81 6.52 22.35
C CYS H 115 -18.18 7.31 23.52
N ASN H 116 -18.53 6.96 24.78
CA ASN H 116 -18.03 7.61 25.98
C ASN H 116 -16.57 7.23 26.34
N ILE H 117 -16.02 6.18 25.69
CA ILE H 117 -14.65 5.73 25.93
C ILE H 117 -13.69 6.67 25.15
N PRO H 118 -12.67 7.27 25.80
CA PRO H 118 -11.79 8.21 25.08
C PRO H 118 -10.64 7.56 24.32
N TYR H 119 -10.56 7.86 23.01
CA TYR H 119 -9.50 7.42 22.08
C TYR H 119 -8.97 8.63 21.29
N TYR H 120 -7.95 8.40 20.44
CA TYR H 120 -7.40 9.47 19.59
C TYR H 120 -8.43 9.84 18.50
N CYS H 121 -8.26 11.03 17.88
CA CYS H 121 -9.21 11.57 16.93
C CYS H 121 -8.59 11.76 15.52
N ILE H 122 -9.38 11.48 14.45
CA ILE H 122 -8.98 11.68 13.05
C ILE H 122 -10.02 12.54 12.33
N CYS H 123 -9.57 13.63 11.69
CA CYS H 123 -10.41 14.54 10.89
C CYS H 123 -9.98 14.41 9.42
N GLY H 124 -10.94 14.32 8.52
CA GLY H 124 -10.68 14.18 7.09
C GLY H 124 -11.59 14.99 6.19
N LYS H 125 -11.00 15.80 5.30
CA LYS H 125 -11.71 16.64 4.33
C LYS H 125 -11.15 16.42 2.94
N LYS H 126 -12.02 16.03 1.98
CA LYS H 126 -11.66 15.79 0.58
C LYS H 126 -11.32 17.09 -0.13
N LEU H 127 -10.12 17.17 -0.71
CA LEU H 127 -9.64 18.36 -1.42
C LEU H 127 -10.33 18.47 -2.79
N ASP H 128 -10.96 19.63 -3.04
CA ASP H 128 -11.70 19.92 -4.28
C ASP H 128 -10.76 20.30 -5.42
N LYS H 129 -9.74 21.14 -5.12
CA LYS H 129 -8.75 21.61 -6.09
C LYS H 129 -7.32 21.33 -5.60
N PHE H 130 -6.33 21.42 -6.52
CA PHE H 130 -4.92 21.20 -6.22
C PHE H 130 -4.39 22.31 -5.30
N PRO H 131 -3.61 21.98 -4.24
CA PRO H 131 -3.12 23.03 -3.32
C PRO H 131 -2.04 23.90 -3.96
N ASP H 132 -2.20 25.23 -3.85
CA ASP H 132 -1.27 26.22 -4.41
C ASP H 132 -0.85 27.23 -3.34
#